data_3BEW
#
_entry.id   3BEW
#
_cell.length_a   57.393
_cell.length_b   88.711
_cell.length_c   100.230
_cell.angle_alpha   90.00
_cell.angle_beta   80.01
_cell.angle_gamma   90.00
#
_symmetry.space_group_name_H-M   'P 1 21 1'
#
loop_
_entity.id
_entity.type
_entity.pdbx_description
1 polymer 'Major histocompatibility complex class I glycoprotein haplotype B21'
2 polymer Beta-2-microglobulin
3 polymer '10-mer from Tubulin beta-6 chain'
4 water water
#
loop_
_entity_poly.entity_id
_entity_poly.type
_entity_poly.pdbx_seq_one_letter_code
_entity_poly.pdbx_strand_id
1 'polypeptide(L)'
;ELHTLRYIRTAMTDPGPGLPWFVDVGYVDGELFMHYNSTARRAVPRTEWIAANTDQQYWDRETQIVQGSEQINRENLDIL
RRRYNQTGGSHTVQWMSGCDILEDGTIRGYHQAAYDGRDFVAFDKGTMTLTAAVPEAVPTKRKWEEGGYAEGLKQYLEET
CVEWLRRYVEYGKAELGRRERPEVRVWGKEADGILTLSCRAHGFYPRPIVVSWLKDGAVRGQDAQSGGIVPNGDGTYHTW
VTIDAQPGDGDKYQCRVEHASLPQPGLYSWR
;
A,D
2 'polypeptide(L)'
;MDLTPKVQVYSRFPASAGTKNVLNCFAAGFHPPKISITLMKDGVPMEGAQYSDMSFNDDWTFQRLVHADFTPSSGSTYAC
KVEHETLKEPQVYKWDPEF
;
B,E
3 'polypeptide(L)' REVDEQLLSV C,F
#
# COMPACT_ATOMS: atom_id res chain seq x y z
N GLU A 1 -25.49 10.87 14.27
CA GLU A 1 -24.71 9.68 13.77
C GLU A 1 -24.25 8.79 14.93
N LEU A 2 -24.51 7.49 14.78
CA LEU A 2 -24.11 6.46 15.76
C LEU A 2 -22.59 6.47 15.98
N HIS A 3 -22.15 6.56 17.24
CA HIS A 3 -20.73 6.41 17.60
C HIS A 3 -20.54 5.45 18.76
N THR A 4 -19.45 4.68 18.70
CA THR A 4 -19.18 3.66 19.70
C THR A 4 -17.73 3.69 20.16
N LEU A 5 -17.52 3.58 21.47
CA LEU A 5 -16.21 3.28 22.04
C LEU A 5 -16.25 1.89 22.69
N ARG A 6 -15.34 1.00 22.29
CA ARG A 6 -15.25 -0.34 22.89
C ARG A 6 -13.80 -0.63 23.37
N TYR A 7 -13.68 -1.18 24.57
CA TYR A 7 -12.39 -1.70 25.06
C TYR A 7 -12.52 -3.20 25.29
N ILE A 8 -11.64 -3.96 24.65
CA ILE A 8 -11.82 -5.39 24.49
C ILE A 8 -10.62 -6.17 25.02
N ARG A 9 -10.80 -6.85 26.15
CA ARG A 9 -9.72 -7.44 26.92
C ARG A 9 -9.83 -8.97 26.96
N THR A 10 -8.71 -9.63 26.68
CA THR A 10 -8.63 -11.07 26.77
C THR A 10 -7.41 -11.47 27.59
N ALA A 11 -7.65 -12.20 28.67
CA ALA A 11 -6.60 -12.78 29.47
C ALA A 11 -6.68 -14.29 29.27
N MET A 12 -5.57 -14.93 28.91
CA MET A 12 -5.61 -16.36 28.61
C MET A 12 -4.42 -17.11 29.19
N THR A 13 -4.65 -18.34 29.62
CA THR A 13 -3.60 -19.21 30.13
C THR A 13 -2.80 -19.91 29.01
N ASP A 14 -3.39 -20.05 27.82
CA ASP A 14 -2.80 -20.81 26.72
C ASP A 14 -2.96 -20.05 25.36
N PRO A 15 -2.18 -19.00 25.13
CA PRO A 15 -2.30 -18.06 24.01
C PRO A 15 -2.18 -18.47 22.53
N GLY A 16 -1.19 -19.22 22.05
CA GLY A 16 -0.01 -19.66 22.73
C GLY A 16 1.24 -19.26 21.98
N PRO A 17 1.78 -20.12 21.09
CA PRO A 17 3.20 -20.01 20.69
C PRO A 17 3.57 -18.62 20.23
N GLY A 18 4.50 -18.01 20.94
CA GLY A 18 4.98 -16.69 20.62
C GLY A 18 4.02 -15.54 20.86
N LEU A 19 2.81 -15.84 21.36
CA LEU A 19 1.76 -14.85 21.49
C LEU A 19 1.60 -14.37 22.93
N PRO A 20 1.10 -13.14 23.12
CA PRO A 20 0.88 -12.62 24.47
C PRO A 20 -0.35 -13.21 25.16
N TRP A 21 -0.25 -13.44 26.46
CA TRP A 21 -1.35 -14.02 27.25
C TRP A 21 -2.41 -12.98 27.64
N PHE A 22 -2.08 -11.70 27.58
CA PHE A 22 -3.06 -10.64 27.78
C PHE A 22 -3.00 -9.62 26.67
N VAL A 23 -4.15 -9.33 26.06
CA VAL A 23 -4.24 -8.24 25.07
C VAL A 23 -5.44 -7.34 25.39
N ASP A 24 -5.27 -6.05 25.11
CA ASP A 24 -6.35 -5.08 25.21
C ASP A 24 -6.35 -4.21 23.96
N VAL A 25 -7.44 -4.25 23.22
CA VAL A 25 -7.60 -3.44 22.02
C VAL A 25 -8.81 -2.52 22.13
N GLY A 26 -8.59 -1.24 21.81
CA GLY A 26 -9.63 -0.23 21.83
C GLY A 26 -10.13 0.10 20.45
N TYR A 27 -11.43 0.30 20.33
CA TYR A 27 -12.04 0.65 19.07
C TYR A 27 -12.91 1.88 19.19
N VAL A 28 -12.88 2.70 18.15
CA VAL A 28 -13.78 3.85 18.00
C VAL A 28 -14.55 3.67 16.71
N ASP A 29 -15.88 3.66 16.78
CA ASP A 29 -16.70 3.38 15.61
C ASP A 29 -16.17 2.19 14.84
N GLY A 30 -15.85 1.10 15.55
CA GLY A 30 -15.35 -0.13 14.93
C GLY A 30 -13.89 -0.14 14.47
N GLU A 31 -13.23 1.01 14.49
CA GLU A 31 -11.87 1.16 13.99
C GLU A 31 -10.86 1.09 15.13
N LEU A 32 -9.91 0.17 14.99
CA LEU A 32 -8.89 -0.07 15.99
C LEU A 32 -8.02 1.15 16.18
N PHE A 33 -7.99 1.66 17.40
CA PHE A 33 -7.29 2.91 17.68
C PHE A 33 -6.26 2.85 18.83
N MET A 34 -6.45 1.92 19.78
CA MET A 34 -5.42 1.66 20.79
C MET A 34 -5.12 0.19 20.97
N HIS A 35 -3.92 -0.09 21.45
CA HIS A 35 -3.49 -1.45 21.64
C HIS A 35 -2.52 -1.58 22.79
N TYR A 36 -2.72 -2.65 23.57
CA TYR A 36 -1.80 -3.07 24.61
C TYR A 36 -1.72 -4.57 24.55
N ASN A 37 -0.55 -5.12 24.87
CA ASN A 37 -0.41 -6.52 25.21
C ASN A 37 0.72 -6.72 26.23
N SER A 38 0.82 -7.94 26.73
CA SER A 38 1.66 -8.21 27.90
C SER A 38 3.11 -8.43 27.51
N THR A 39 3.42 -8.40 26.21
CA THR A 39 4.79 -8.44 25.73
C THR A 39 5.34 -7.02 25.57
N ALA A 40 4.65 -6.17 24.82
CA ALA A 40 5.07 -4.78 24.70
C ALA A 40 5.01 -4.05 26.05
N ARG A 41 3.96 -4.33 26.83
CA ARG A 41 3.73 -3.66 28.11
C ARG A 41 3.67 -2.15 27.94
N ARG A 42 3.11 -1.74 26.80
CA ARG A 42 2.95 -0.35 26.39
C ARG A 42 1.58 -0.18 25.73
N ALA A 43 0.79 0.77 26.20
CA ALA A 43 -0.42 1.18 25.50
C ALA A 43 -0.01 2.05 24.29
N VAL A 44 -0.50 1.70 23.11
CA VAL A 44 0.00 2.26 21.86
C VAL A 44 -1.11 2.74 20.92
N PRO A 45 -0.91 3.90 20.25
CA PRO A 45 -1.87 4.37 19.24
C PRO A 45 -1.93 3.51 17.97
N ARG A 46 -3.09 3.47 17.31
CA ARG A 46 -3.23 2.66 16.11
C ARG A 46 -3.88 3.30 14.88
N THR A 47 -4.29 4.55 14.99
CA THR A 47 -4.62 5.33 13.82
C THR A 47 -3.74 6.57 13.82
N GLU A 48 -3.58 7.20 12.67
CA GLU A 48 -2.81 8.44 12.62
C GLU A 48 -3.53 9.56 13.38
N TRP A 49 -4.88 9.58 13.34
CA TRP A 49 -5.63 10.64 14.00
C TRP A 49 -5.53 10.63 15.52
N ILE A 50 -5.48 9.46 16.15
CA ILE A 50 -5.28 9.43 17.59
C ILE A 50 -3.82 9.77 17.97
N ALA A 51 -2.86 9.43 17.11
CA ALA A 51 -1.43 9.70 17.38
C ALA A 51 -1.16 11.19 17.37
N ALA A 52 -1.88 11.90 16.50
CA ALA A 52 -1.65 13.32 16.30
C ALA A 52 -2.33 14.17 17.38
N ASN A 53 -3.43 13.67 17.95
CA ASN A 53 -4.19 14.40 18.94
C ASN A 53 -4.00 13.89 20.39
N THR A 54 -2.87 13.26 20.65
CA THR A 54 -2.48 12.87 22.00
C THR A 54 -0.98 13.02 22.18
N ASP A 55 -0.59 13.33 23.41
CA ASP A 55 0.82 13.51 23.80
C ASP A 55 1.27 12.25 24.52
N GLN A 56 2.45 12.26 25.13
CA GLN A 56 2.94 11.12 25.89
C GLN A 56 2.27 10.98 27.25
N GLN A 57 1.69 12.05 27.78
CA GLN A 57 0.98 11.98 29.07
C GLN A 57 -0.20 11.02 28.98
N TYR A 58 -0.91 11.10 27.86
CA TYR A 58 -2.07 10.25 27.64
C TYR A 58 -1.63 8.79 27.59
N TRP A 59 -0.61 8.48 26.80
CA TRP A 59 -0.14 7.09 26.68
C TRP A 59 0.62 6.56 27.89
N ASP A 60 1.15 7.47 28.71
CA ASP A 60 1.74 7.07 29.97
C ASP A 60 0.63 6.69 30.91
N ARG A 61 -0.45 7.45 30.86
CA ARG A 61 -1.61 7.23 31.71
C ARG A 61 -2.29 5.90 31.34
N GLU A 62 -2.65 5.73 30.08
CA GLU A 62 -3.24 4.50 29.60
C GLU A 62 -2.35 3.27 29.85
N THR A 63 -1.04 3.43 29.75
CA THR A 63 -0.15 2.33 30.02
C THR A 63 -0.25 1.86 31.47
N GLN A 64 -0.26 2.79 32.43
CA GLN A 64 -0.28 2.38 33.84
C GLN A 64 -1.61 1.71 34.13
N ILE A 65 -2.70 2.32 33.66
CA ILE A 65 -4.02 1.75 33.88
C ILE A 65 -4.12 0.34 33.29
N VAL A 66 -3.68 0.15 32.05
CA VAL A 66 -3.77 -1.18 31.44
C VAL A 66 -2.74 -2.17 32.02
N GLN A 67 -1.59 -1.68 32.46
CA GLN A 67 -0.62 -2.53 33.18
C GLN A 67 -1.22 -3.06 34.48
N GLY A 68 -1.94 -2.22 35.20
CA GLY A 68 -2.63 -2.67 36.40
C GLY A 68 -3.77 -3.59 36.05
N SER A 69 -4.44 -3.33 34.93
CA SER A 69 -5.49 -4.18 34.42
C SER A 69 -4.98 -5.60 34.15
N GLU A 70 -3.78 -5.67 33.60
CA GLU A 70 -3.14 -6.94 33.29
C GLU A 70 -2.96 -7.72 34.58
N GLN A 71 -2.39 -7.07 35.59
CA GLN A 71 -2.20 -7.72 36.91
C GLN A 71 -3.53 -8.15 37.55
N ILE A 72 -4.58 -7.32 37.43
CA ILE A 72 -5.91 -7.69 37.91
C ILE A 72 -6.44 -8.96 37.21
N ASN A 73 -6.12 -9.09 35.93
CA ASN A 73 -6.57 -10.24 35.17
C ASN A 73 -5.71 -11.50 35.34
N ARG A 74 -4.44 -11.35 35.75
CA ARG A 74 -3.63 -12.48 36.22
C ARG A 74 -4.27 -13.10 37.46
N GLU A 75 -4.65 -12.24 38.38
CA GLU A 75 -5.35 -12.64 39.60
C GLU A 75 -6.71 -13.28 39.29
N ASN A 76 -7.45 -12.66 38.37
CA ASN A 76 -8.72 -13.17 37.91
C ASN A 76 -8.66 -14.61 37.39
N LEU A 77 -7.67 -14.92 36.58
CA LEU A 77 -7.56 -16.28 36.09
C LEU A 77 -7.41 -17.25 37.29
N ASP A 78 -6.55 -16.91 38.24
CA ASP A 78 -6.30 -17.78 39.40
C ASP A 78 -7.54 -17.89 40.30
N ILE A 79 -8.28 -16.80 40.49
CA ILE A 79 -9.45 -16.85 41.35
C ILE A 79 -10.59 -17.66 40.72
N LEU A 80 -10.90 -17.40 39.45
CA LEU A 80 -11.98 -18.15 38.81
C LEU A 80 -11.64 -19.63 38.65
N ARG A 81 -10.38 -19.94 38.39
CA ARG A 81 -9.95 -21.32 38.37
C ARG A 81 -10.36 -22.05 39.67
N ARG A 82 -10.11 -21.44 40.82
CA ARG A 82 -10.46 -22.06 42.10
C ARG A 82 -11.97 -22.21 42.29
N ARG A 83 -12.72 -21.18 41.94
CA ARG A 83 -14.16 -21.20 42.10
C ARG A 83 -14.80 -22.26 41.22
N TYR A 84 -14.16 -22.60 40.12
CA TYR A 84 -14.68 -23.62 39.19
C TYR A 84 -14.09 -25.02 39.44
N ASN A 85 -13.25 -25.14 40.48
CA ASN A 85 -12.58 -26.39 40.83
C ASN A 85 -11.59 -26.90 39.78
N GLN A 86 -11.08 -25.97 38.98
CA GLN A 86 -10.14 -26.31 37.92
C GLN A 86 -8.69 -26.25 38.36
N THR A 87 -7.82 -26.97 37.65
CA THR A 87 -6.38 -26.92 37.84
C THR A 87 -5.68 -26.89 36.48
N GLY A 88 -4.68 -26.03 36.32
CA GLY A 88 -3.97 -25.90 35.04
C GLY A 88 -4.93 -25.67 33.90
N GLY A 89 -4.55 -26.13 32.72
CA GLY A 89 -5.47 -26.14 31.59
C GLY A 89 -5.64 -24.83 30.83
N SER A 90 -6.56 -24.84 29.89
CA SER A 90 -6.76 -23.75 28.94
C SER A 90 -7.99 -22.96 29.35
N HIS A 91 -7.77 -21.72 29.78
CA HIS A 91 -8.84 -20.87 30.29
C HIS A 91 -8.69 -19.41 29.85
N THR A 92 -9.81 -18.69 29.83
CA THR A 92 -9.83 -17.29 29.45
C THR A 92 -10.79 -16.43 30.24
N VAL A 93 -10.38 -15.22 30.57
CA VAL A 93 -11.29 -14.19 31.05
C VAL A 93 -11.41 -13.12 29.97
N GLN A 94 -12.63 -12.71 29.65
CA GLN A 94 -12.87 -11.67 28.66
C GLN A 94 -13.62 -10.55 29.31
N TRP A 95 -13.23 -9.32 29.00
CA TRP A 95 -13.87 -8.14 29.54
C TRP A 95 -14.15 -7.16 28.44
N MET A 96 -15.40 -6.75 28.31
CA MET A 96 -15.80 -5.76 27.35
C MET A 96 -16.35 -4.55 28.10
N SER A 97 -15.91 -3.35 27.73
CA SER A 97 -16.43 -2.12 28.29
C SER A 97 -16.53 -1.05 27.21
N GLY A 98 -17.47 -0.14 27.34
CA GLY A 98 -17.57 0.99 26.42
C GLY A 98 -18.90 1.72 26.49
N CYS A 99 -19.17 2.53 25.46
CA CYS A 99 -20.40 3.29 25.40
C CYS A 99 -20.84 3.63 23.98
N ASP A 100 -22.12 3.92 23.84
CA ASP A 100 -22.70 4.33 22.57
C ASP A 100 -23.38 5.66 22.74
N ILE A 101 -23.12 6.59 21.84
CA ILE A 101 -23.97 7.77 21.70
C ILE A 101 -24.81 7.43 20.46
N LEU A 102 -26.11 7.22 20.66
CA LEU A 102 -26.99 6.78 19.58
C LEU A 102 -27.37 7.97 18.69
N GLU A 103 -28.00 7.68 17.55
CA GLU A 103 -28.48 8.73 16.64
C GLU A 103 -29.50 9.64 17.33
N ASP A 104 -30.48 9.05 18.02
CA ASP A 104 -31.44 9.84 18.80
C ASP A 104 -30.80 10.59 20.00
N GLY A 105 -29.48 10.44 20.17
CA GLY A 105 -28.71 11.22 21.15
C GLY A 105 -28.54 10.56 22.51
N THR A 106 -29.16 9.39 22.67
CA THR A 106 -29.15 8.65 23.92
C THR A 106 -27.80 7.99 24.15
N ILE A 107 -27.45 7.82 25.43
CA ILE A 107 -26.24 7.12 25.85
C ILE A 107 -26.58 5.69 26.24
N ARG A 108 -25.73 4.76 25.80
CA ARG A 108 -25.74 3.38 26.32
C ARG A 108 -24.35 3.06 26.87
N GLY A 109 -24.29 2.13 27.81
CA GLY A 109 -23.05 1.77 28.49
C GLY A 109 -22.96 0.28 28.68
N TYR A 110 -21.75 -0.27 28.53
CA TYR A 110 -21.55 -1.71 28.62
C TYR A 110 -20.42 -2.01 29.59
N HIS A 111 -20.58 -3.05 30.39
CA HIS A 111 -19.49 -3.56 31.18
C HIS A 111 -19.80 -5.01 31.51
N GLN A 112 -19.08 -5.93 30.88
CA GLN A 112 -19.39 -7.34 30.97
C GLN A 112 -18.16 -8.22 30.82
N ALA A 113 -18.20 -9.37 31.48
CA ALA A 113 -17.10 -10.29 31.49
C ALA A 113 -17.60 -11.68 31.17
N ALA A 114 -16.73 -12.51 30.58
CA ALA A 114 -17.06 -13.89 30.27
C ALA A 114 -15.94 -14.77 30.77
N TYR A 115 -16.29 -15.95 31.30
CA TYR A 115 -15.26 -16.94 31.65
C TYR A 115 -15.38 -18.15 30.72
N ASP A 116 -14.24 -18.58 30.18
CA ASP A 116 -14.21 -19.66 29.19
C ASP A 116 -15.33 -19.50 28.17
N GLY A 117 -15.52 -18.28 27.70
CA GLY A 117 -16.45 -17.96 26.61
C GLY A 117 -17.92 -17.93 26.97
N ARG A 118 -18.22 -17.87 28.26
CA ARG A 118 -19.58 -17.85 28.73
C ARG A 118 -19.80 -16.63 29.63
N ASP A 119 -20.98 -16.02 29.51
CA ASP A 119 -21.38 -14.93 30.40
C ASP A 119 -21.01 -15.23 31.83
N PHE A 120 -20.39 -14.25 32.46
CA PHE A 120 -19.99 -14.36 33.84
C PHE A 120 -20.66 -13.26 34.67
N VAL A 121 -20.42 -12.00 34.30
CA VAL A 121 -21.10 -10.86 34.92
C VAL A 121 -21.42 -9.80 33.89
N ALA A 122 -22.49 -9.04 34.13
CA ALA A 122 -22.86 -7.91 33.29
C ALA A 122 -23.37 -6.81 34.21
N PHE A 123 -23.12 -5.56 33.84
CA PHE A 123 -23.64 -4.43 34.59
C PHE A 123 -25.01 -4.08 34.04
N ASP A 124 -25.96 -3.77 34.92
CA ASP A 124 -27.32 -3.40 34.52
C ASP A 124 -27.56 -2.00 35.03
N LYS A 125 -27.27 -1.00 34.19
CA LYS A 125 -27.34 0.43 34.60
C LYS A 125 -28.74 0.83 35.03
N GLY A 126 -29.76 0.25 34.37
CA GLY A 126 -31.16 0.52 34.71
C GLY A 126 -31.40 0.31 36.20
N THR A 127 -31.12 -0.91 36.66
CA THR A 127 -31.25 -1.28 38.07
C THR A 127 -30.04 -0.90 38.93
N MET A 128 -28.95 -0.49 38.27
CA MET A 128 -27.69 -0.11 38.95
C MET A 128 -27.04 -1.25 39.74
N THR A 129 -27.05 -2.44 39.17
CA THR A 129 -26.44 -3.59 39.82
C THR A 129 -25.61 -4.44 38.83
N LEU A 130 -24.64 -5.14 39.38
CA LEU A 130 -23.90 -6.16 38.66
C LEU A 130 -24.72 -7.46 38.71
N THR A 131 -25.09 -7.97 37.55
CA THR A 131 -25.81 -9.23 37.46
C THR A 131 -24.77 -10.35 37.37
N ALA A 132 -24.96 -11.42 38.16
CA ALA A 132 -24.10 -12.60 38.08
C ALA A 132 -24.85 -13.61 37.27
N ALA A 133 -24.21 -14.18 36.24
CA ALA A 133 -24.90 -15.10 35.32
C ALA A 133 -24.88 -16.53 35.82
N VAL A 134 -23.87 -16.86 36.62
CA VAL A 134 -23.70 -18.19 37.16
C VAL A 134 -23.26 -18.07 38.62
N PRO A 135 -23.48 -19.14 39.42
CA PRO A 135 -23.12 -19.07 40.84
C PRO A 135 -21.67 -18.66 41.08
N GLU A 136 -20.80 -19.01 40.15
CA GLU A 136 -19.40 -18.64 40.26
C GLU A 136 -19.15 -17.12 40.21
N ALA A 137 -20.13 -16.34 39.76
CA ALA A 137 -20.05 -14.86 39.79
C ALA A 137 -20.70 -14.19 41.00
N VAL A 138 -21.40 -14.94 41.86
CA VAL A 138 -22.05 -14.31 43.02
C VAL A 138 -21.05 -13.61 43.98
N PRO A 139 -19.90 -14.24 44.29
CA PRO A 139 -18.86 -13.55 45.08
C PRO A 139 -18.32 -12.25 44.47
N THR A 140 -18.38 -12.11 43.15
CA THR A 140 -18.00 -10.87 42.47
C THR A 140 -19.03 -9.79 42.74
N LYS A 141 -20.30 -10.12 42.50
CA LYS A 141 -21.42 -9.24 42.86
C LYS A 141 -21.30 -8.79 44.32
N ARG A 142 -21.01 -9.73 45.22
CA ARG A 142 -20.78 -9.38 46.63
C ARG A 142 -19.67 -8.35 46.78
N LYS A 143 -18.61 -8.53 46.01
CA LYS A 143 -17.43 -7.63 46.04
C LYS A 143 -17.84 -6.22 45.62
N TRP A 144 -18.68 -6.12 44.59
CA TRP A 144 -19.11 -4.81 44.07
C TRP A 144 -20.12 -4.11 44.97
N GLU A 145 -20.94 -4.88 45.66
CA GLU A 145 -21.90 -4.33 46.62
C GLU A 145 -21.19 -3.66 47.79
N GLU A 146 -20.03 -4.21 48.18
CA GLU A 146 -19.28 -3.68 49.32
C GLU A 146 -18.26 -2.61 48.92
N GLY A 147 -17.37 -2.97 48.00
CA GLY A 147 -16.30 -2.04 47.57
C GLY A 147 -16.70 -0.68 46.99
N GLY A 148 -17.99 -0.41 46.83
CA GLY A 148 -18.43 0.86 46.23
C GLY A 148 -17.96 1.00 44.78
N TYR A 149 -18.02 -0.09 44.02
CA TYR A 149 -17.56 -0.09 42.62
C TYR A 149 -18.58 0.53 41.69
N ALA A 150 -19.86 0.26 41.94
CA ALA A 150 -20.96 0.61 41.05
C ALA A 150 -21.02 2.10 40.74
N GLU A 151 -20.74 2.93 41.75
CA GLU A 151 -20.81 4.37 41.50
C GLU A 151 -19.63 4.81 40.61
N GLY A 152 -18.43 4.32 40.92
CA GLY A 152 -17.22 4.58 40.10
C GLY A 152 -17.36 4.24 38.62
N LEU A 153 -18.20 3.25 38.30
CA LEU A 153 -18.47 2.85 36.92
C LEU A 153 -19.53 3.73 36.27
N LYS A 154 -20.51 4.16 37.06
CA LYS A 154 -21.55 5.07 36.60
C LYS A 154 -20.84 6.32 36.07
N GLN A 155 -19.89 6.83 36.86
CA GLN A 155 -19.09 7.95 36.43
C GLN A 155 -18.42 7.63 35.08
N TYR A 156 -17.74 6.49 35.00
CA TYR A 156 -17.07 6.14 33.77
C TYR A 156 -18.03 6.07 32.57
N LEU A 157 -19.10 5.30 32.68
CA LEU A 157 -19.99 5.06 31.54
C LEU A 157 -20.76 6.29 31.09
N GLU A 158 -21.17 7.11 32.06
CA GLU A 158 -22.05 8.26 31.80
C GLU A 158 -21.27 9.53 31.52
N GLU A 159 -20.02 9.60 31.98
CA GLU A 159 -19.20 10.81 31.74
C GLU A 159 -17.93 10.54 30.97
N THR A 160 -16.93 9.95 31.64
CA THR A 160 -15.61 9.74 31.04
C THR A 160 -15.72 9.06 29.68
N CYS A 161 -16.48 7.98 29.60
CA CYS A 161 -16.57 7.21 28.36
C CYS A 161 -17.08 8.09 27.24
N VAL A 162 -18.20 8.75 27.48
CA VAL A 162 -18.89 9.53 26.44
C VAL A 162 -18.10 10.78 26.04
N GLU A 163 -17.45 11.40 27.03
CA GLU A 163 -16.71 12.63 26.79
C GLU A 163 -15.52 12.36 25.86
N TRP A 164 -14.82 11.27 26.13
CA TRP A 164 -13.68 10.89 25.33
C TRP A 164 -14.08 10.37 23.97
N LEU A 165 -15.20 9.65 23.91
CA LEU A 165 -15.76 9.22 22.63
C LEU A 165 -16.04 10.41 21.73
N ARG A 166 -16.62 11.47 22.30
CA ARG A 166 -16.88 12.70 21.56
C ARG A 166 -15.58 13.35 21.10
N ARG A 167 -14.57 13.38 21.97
CA ARG A 167 -13.25 13.86 21.58
C ARG A 167 -12.71 13.07 20.40
N TYR A 168 -12.67 11.75 20.55
CA TYR A 168 -12.07 10.86 19.54
C TYR A 168 -12.74 11.02 18.18
N VAL A 169 -14.06 11.06 18.19
CA VAL A 169 -14.85 11.26 16.98
C VAL A 169 -14.42 12.57 16.33
N GLU A 170 -14.20 13.58 17.16
CA GLU A 170 -13.76 14.89 16.69
C GLU A 170 -12.34 14.78 16.09
N TYR A 171 -11.42 14.16 16.81
CA TYR A 171 -10.04 13.99 16.32
C TYR A 171 -9.99 13.35 14.91
N GLY A 172 -10.85 12.41 14.64
CA GLY A 172 -10.79 11.69 13.37
C GLY A 172 -12.06 11.75 12.57
N LYS A 173 -12.73 12.90 12.61
CA LYS A 173 -14.02 13.10 11.93
C LYS A 173 -13.95 12.76 10.44
N ALA A 174 -12.90 13.26 9.80
CA ALA A 174 -12.72 13.06 8.36
C ALA A 174 -12.42 11.59 8.01
N GLU A 175 -11.57 10.96 8.83
CA GLU A 175 -11.22 9.55 8.66
C GLU A 175 -12.41 8.63 8.88
N LEU A 176 -13.14 8.85 9.98
CA LEU A 176 -14.31 8.02 10.30
C LEU A 176 -15.48 8.21 9.31
N GLY A 177 -15.60 9.42 8.77
CA GLY A 177 -16.70 9.76 7.89
C GLY A 177 -16.43 9.59 6.41
N ARG A 178 -15.24 9.06 6.10
CA ARG A 178 -14.81 8.90 4.72
C ARG A 178 -15.61 7.85 3.99
N ARG A 179 -15.47 7.83 2.68
CA ARG A 179 -16.14 6.88 1.82
C ARG A 179 -15.09 6.29 0.90
N GLU A 180 -15.01 4.96 0.86
CA GLU A 180 -14.15 4.27 -0.09
C GLU A 180 -15.04 3.37 -0.90
N ARG A 181 -15.07 3.57 -2.21
CA ARG A 181 -15.92 2.75 -3.09
C ARG A 181 -15.36 1.35 -3.17
N PRO A 182 -16.23 0.34 -3.24
CA PRO A 182 -15.77 -1.01 -3.49
C PRO A 182 -15.39 -1.21 -4.95
N GLU A 183 -14.34 -1.98 -5.19
CA GLU A 183 -14.15 -2.63 -6.49
C GLU A 183 -14.94 -3.91 -6.44
N VAL A 184 -15.84 -4.10 -7.40
CA VAL A 184 -16.71 -5.28 -7.39
C VAL A 184 -16.34 -6.19 -8.55
N ARG A 185 -16.33 -7.49 -8.30
CA ARG A 185 -16.10 -8.48 -9.36
C ARG A 185 -17.15 -9.58 -9.35
N VAL A 186 -17.64 -9.92 -10.53
CA VAL A 186 -18.53 -11.06 -10.70
C VAL A 186 -17.77 -12.20 -11.37
N TRP A 187 -17.88 -13.40 -10.81
CA TRP A 187 -17.16 -14.57 -11.31
C TRP A 187 -18.08 -15.79 -11.24
N GLY A 188 -18.06 -16.62 -12.28
CA GLY A 188 -18.92 -17.83 -12.36
C GLY A 188 -18.12 -19.11 -12.51
N LYS A 189 -18.61 -20.22 -11.95
CA LYS A 189 -17.84 -21.47 -11.86
C LYS A 189 -18.66 -22.79 -11.89
N GLU A 190 -18.05 -23.82 -12.51
CA GLU A 190 -18.52 -25.22 -12.66
C GLU A 190 -19.39 -25.45 -13.89
N ALA A 191 -19.19 -26.64 -14.48
CA ALA A 191 -20.12 -27.33 -15.42
C ALA A 191 -20.61 -26.57 -16.67
N ASP A 192 -20.93 -27.35 -17.70
CA ASP A 192 -21.53 -26.90 -18.98
C ASP A 192 -21.56 -25.39 -19.28
N GLY A 193 -22.29 -24.65 -18.44
CA GLY A 193 -22.47 -23.21 -18.61
C GLY A 193 -21.88 -22.40 -17.46
N ILE A 194 -22.70 -22.16 -16.43
CA ILE A 194 -22.44 -21.13 -15.37
C ILE A 194 -23.19 -21.39 -14.03
N LEU A 195 -22.81 -22.41 -13.25
CA LEU A 195 -23.62 -22.88 -12.11
C LEU A 195 -23.59 -21.82 -10.97
N THR A 196 -22.46 -21.70 -10.25
CA THR A 196 -22.34 -20.79 -9.10
C THR A 196 -21.84 -19.38 -9.52
N LEU A 197 -22.56 -18.34 -9.13
CA LEU A 197 -22.16 -16.97 -9.42
C LEU A 197 -21.71 -16.26 -8.15
N SER A 198 -20.52 -15.64 -8.22
CA SER A 198 -19.92 -14.98 -7.07
C SER A 198 -19.99 -13.48 -7.26
N CYS A 199 -20.30 -12.76 -6.18
CA CYS A 199 -20.22 -11.29 -6.17
C CYS A 199 -19.37 -10.84 -4.98
N ARG A 200 -18.24 -10.20 -5.27
CA ARG A 200 -17.31 -9.76 -4.25
C ARG A 200 -17.13 -8.27 -4.30
N ALA A 201 -17.36 -7.61 -3.17
CA ALA A 201 -17.02 -6.19 -3.02
C ALA A 201 -15.71 -6.09 -2.25
N HIS A 202 -14.72 -5.47 -2.88
CA HIS A 202 -13.39 -5.33 -2.32
C HIS A 202 -13.15 -3.91 -1.86
N GLY A 203 -12.78 -3.74 -0.60
CA GLY A 203 -12.18 -2.48 -0.15
C GLY A 203 -13.12 -1.32 0.06
N PHE A 204 -14.28 -1.59 0.64
CA PHE A 204 -15.25 -0.54 0.92
C PHE A 204 -15.17 -0.06 2.36
N TYR A 205 -15.62 1.19 2.53
CA TYR A 205 -15.75 1.84 3.83
C TYR A 205 -16.81 2.93 3.72
N PRO A 206 -17.66 3.07 4.75
CA PRO A 206 -17.74 2.33 6.00
C PRO A 206 -18.21 0.87 5.87
N ARG A 207 -18.42 0.22 7.00
CA ARG A 207 -18.69 -1.22 7.08
C ARG A 207 -20.04 -1.67 6.54
N PRO A 208 -21.13 -0.95 6.84
CA PRO A 208 -22.44 -1.41 6.35
C PRO A 208 -22.51 -1.54 4.84
N ILE A 209 -23.18 -2.59 4.37
CA ILE A 209 -23.29 -2.88 2.95
C ILE A 209 -24.39 -3.92 2.76
N VAL A 210 -25.12 -3.83 1.66
CA VAL A 210 -26.08 -4.86 1.29
C VAL A 210 -25.70 -5.32 -0.12
N VAL A 211 -25.26 -6.57 -0.22
CA VAL A 211 -25.01 -7.20 -1.52
C VAL A 211 -26.00 -8.33 -1.75
N SER A 212 -26.77 -8.22 -2.83
CA SER A 212 -27.79 -9.20 -3.14
C SER A 212 -27.80 -9.56 -4.62
N TRP A 213 -28.27 -10.76 -4.92
CA TRP A 213 -28.44 -11.21 -6.28
C TRP A 213 -29.89 -11.08 -6.76
N LEU A 214 -30.05 -10.71 -8.02
CA LEU A 214 -31.37 -10.53 -8.61
C LEU A 214 -31.56 -11.41 -9.85
N LYS A 215 -32.44 -12.41 -9.73
CA LYS A 215 -32.86 -13.21 -10.90
C LYS A 215 -34.07 -12.54 -11.54
N ASP A 216 -33.91 -12.09 -12.78
CA ASP A 216 -34.86 -11.19 -13.46
C ASP A 216 -35.58 -10.23 -12.48
N GLY A 217 -34.77 -9.44 -11.77
CA GLY A 217 -35.28 -8.45 -10.82
C GLY A 217 -35.66 -9.00 -9.46
N ALA A 218 -35.79 -10.31 -9.32
CA ALA A 218 -36.31 -10.88 -8.07
C ALA A 218 -35.16 -11.22 -7.10
N VAL A 219 -35.24 -10.65 -5.89
CA VAL A 219 -34.25 -10.90 -4.86
C VAL A 219 -34.39 -12.34 -4.39
N ARG A 220 -33.40 -13.18 -4.75
CA ARG A 220 -33.29 -14.54 -4.25
C ARG A 220 -32.29 -14.59 -3.09
N GLY A 221 -32.76 -14.20 -1.90
CA GLY A 221 -31.91 -14.07 -0.72
C GLY A 221 -31.89 -15.34 0.12
N GLN A 222 -33.07 -15.93 0.32
CA GLN A 222 -33.18 -17.32 0.81
C GLN A 222 -32.76 -18.27 -0.34
N ASP A 223 -31.44 -18.41 -0.51
CA ASP A 223 -30.82 -18.97 -1.74
C ASP A 223 -29.35 -18.45 -1.80
N ALA A 224 -29.19 -17.15 -1.52
CA ALA A 224 -27.87 -16.54 -1.38
C ALA A 224 -27.13 -17.12 -0.20
N GLN A 225 -25.85 -17.38 -0.41
CA GLN A 225 -24.95 -17.68 0.69
C GLN A 225 -24.00 -16.48 0.82
N SER A 226 -23.87 -15.98 2.03
CA SER A 226 -23.05 -14.82 2.29
C SER A 226 -21.87 -15.18 3.20
N GLY A 227 -20.77 -14.47 3.03
CA GLY A 227 -19.65 -14.59 3.93
C GLY A 227 -19.76 -13.64 5.12
N GLY A 228 -20.75 -12.76 5.11
CA GLY A 228 -20.85 -11.68 6.07
C GLY A 228 -19.85 -10.61 5.69
N ILE A 229 -19.54 -9.71 6.61
CA ILE A 229 -18.59 -8.65 6.34
C ILE A 229 -17.27 -8.91 7.08
N VAL A 230 -16.18 -8.99 6.31
CA VAL A 230 -14.85 -9.30 6.85
C VAL A 230 -13.85 -8.17 6.55
N PRO A 231 -12.82 -8.00 7.42
CA PRO A 231 -11.84 -6.93 7.26
C PRO A 231 -10.67 -7.16 6.29
N ASN A 232 -10.27 -6.11 5.59
CA ASN A 232 -8.99 -6.05 4.94
C ASN A 232 -7.94 -5.55 5.95
N GLY A 233 -6.68 -5.57 5.57
CA GLY A 233 -5.61 -5.07 6.44
C GLY A 233 -5.61 -3.57 6.65
N ASP A 234 -5.98 -2.84 5.61
CA ASP A 234 -5.87 -1.39 5.54
C ASP A 234 -7.07 -0.62 6.13
N GLY A 235 -7.95 -1.29 6.87
CA GLY A 235 -9.11 -0.62 7.46
C GLY A 235 -10.39 -0.60 6.61
N THR A 236 -10.32 -1.10 5.38
CA THR A 236 -11.50 -1.25 4.55
C THR A 236 -12.09 -2.63 4.75
N TYR A 237 -13.22 -2.89 4.09
CA TYR A 237 -13.96 -4.12 4.35
C TYR A 237 -14.20 -4.93 3.09
N HIS A 238 -14.67 -6.16 3.29
CA HIS A 238 -14.84 -7.13 2.23
C HIS A 238 -16.10 -7.95 2.44
N THR A 239 -16.74 -8.37 1.35
CA THR A 239 -17.90 -9.26 1.45
C THR A 239 -18.15 -10.01 0.15
N TRP A 240 -18.56 -11.27 0.25
CA TRP A 240 -18.97 -12.04 -0.91
C TRP A 240 -20.33 -12.72 -0.73
N VAL A 241 -21.14 -12.70 -1.80
CA VAL A 241 -22.42 -13.39 -1.84
C VAL A 241 -22.42 -14.28 -3.07
N THR A 242 -22.78 -15.55 -2.90
CA THR A 242 -22.90 -16.49 -4.03
C THR A 242 -24.34 -16.92 -4.22
N ILE A 243 -24.67 -17.37 -5.42
CA ILE A 243 -26.01 -17.89 -5.72
C ILE A 243 -25.88 -19.01 -6.74
N ASP A 244 -26.70 -20.06 -6.58
CA ASP A 244 -26.65 -21.23 -7.49
C ASP A 244 -27.72 -21.09 -8.58
N ALA A 245 -27.28 -21.29 -9.82
CA ALA A 245 -28.10 -21.11 -11.02
C ALA A 245 -27.94 -22.29 -11.99
N GLN A 246 -28.96 -22.53 -12.82
CA GLN A 246 -28.89 -23.56 -13.85
C GLN A 246 -27.91 -23.07 -14.91
N PRO A 247 -27.05 -23.96 -15.43
CA PRO A 247 -26.02 -23.49 -16.41
C PRO A 247 -26.58 -22.87 -17.71
N GLY A 248 -26.13 -21.65 -18.02
CA GLY A 248 -26.66 -20.88 -19.16
C GLY A 248 -27.74 -19.86 -18.78
N ASP A 249 -28.12 -19.82 -17.50
CA ASP A 249 -28.97 -18.74 -16.99
C ASP A 249 -28.18 -17.51 -16.58
N GLY A 250 -26.90 -17.46 -16.97
CA GLY A 250 -25.98 -16.41 -16.53
C GLY A 250 -26.50 -15.02 -16.78
N ASP A 251 -27.02 -14.83 -17.99
CA ASP A 251 -27.56 -13.55 -18.42
C ASP A 251 -28.76 -13.03 -17.57
N LYS A 252 -29.45 -13.92 -16.85
CA LYS A 252 -30.63 -13.51 -16.05
C LYS A 252 -30.29 -12.80 -14.72
N TYR A 253 -29.05 -12.99 -14.26
CA TYR A 253 -28.65 -12.61 -12.91
C TYR A 253 -27.88 -11.30 -12.86
N GLN A 254 -28.17 -10.50 -11.84
CA GLN A 254 -27.55 -9.22 -11.61
C GLN A 254 -27.21 -9.07 -10.13
N CYS A 255 -25.99 -8.59 -9.86
CA CYS A 255 -25.55 -8.34 -8.50
C CYS A 255 -25.82 -6.89 -8.17
N ARG A 256 -26.46 -6.66 -7.02
CA ARG A 256 -26.83 -5.31 -6.59
C ARG A 256 -26.06 -4.93 -5.34
N VAL A 257 -25.36 -3.81 -5.39
CA VAL A 257 -24.51 -3.37 -4.27
C VAL A 257 -25.01 -2.03 -3.74
N GLU A 258 -25.61 -2.03 -2.55
CA GLU A 258 -26.03 -0.80 -1.86
C GLU A 258 -24.96 -0.42 -0.83
N HIS A 259 -24.44 0.80 -0.96
CA HIS A 259 -23.37 1.28 -0.06
C HIS A 259 -23.32 2.82 -0.03
N ALA A 260 -22.92 3.37 1.12
CA ALA A 260 -22.95 4.81 1.34
C ALA A 260 -22.08 5.61 0.35
N SER A 261 -21.09 4.97 -0.27
CA SER A 261 -20.20 5.65 -1.21
C SER A 261 -20.77 5.67 -2.61
N LEU A 262 -21.86 4.95 -2.82
CA LEU A 262 -22.50 4.87 -4.11
C LEU A 262 -23.80 5.65 -4.04
N PRO A 263 -23.97 6.66 -4.90
CA PRO A 263 -25.20 7.47 -4.78
C PRO A 263 -26.39 6.68 -5.31
N GLN A 264 -26.19 5.94 -6.39
CA GLN A 264 -27.15 4.95 -6.87
C GLN A 264 -26.54 3.56 -6.60
N PRO A 265 -27.37 2.58 -6.21
CA PRO A 265 -26.87 1.22 -6.09
C PRO A 265 -26.11 0.78 -7.35
N GLY A 266 -25.03 0.05 -7.17
CA GLY A 266 -24.24 -0.50 -8.28
C GLY A 266 -24.76 -1.82 -8.81
N LEU A 267 -24.69 -2.00 -10.13
CA LEU A 267 -25.31 -3.14 -10.80
C LEU A 267 -24.29 -3.87 -11.67
N TYR A 268 -24.11 -5.16 -11.42
CA TYR A 268 -23.05 -5.93 -12.06
C TYR A 268 -23.55 -7.23 -12.65
N SER A 269 -23.02 -7.61 -13.81
CA SER A 269 -23.39 -8.86 -14.46
C SER A 269 -22.19 -9.78 -14.64
N TRP A 270 -22.47 -11.03 -15.00
CA TRP A 270 -21.43 -12.03 -15.29
C TRP A 270 -21.01 -11.98 -16.75
N ARG A 271 -19.72 -11.94 -17.00
CA ARG A 271 -19.30 -11.78 -18.37
C ARG A 271 -19.42 -12.78 -19.50
N MET B 1 -18.54 -21.72 25.19
CA MET B 1 -17.87 -23.03 24.98
C MET B 1 -17.27 -23.16 23.56
N ASP B 2 -16.26 -24.04 23.47
CA ASP B 2 -15.53 -24.33 22.23
C ASP B 2 -16.43 -24.57 20.98
N LEU B 3 -16.55 -23.55 20.10
CA LEU B 3 -17.17 -23.73 18.76
C LEU B 3 -16.16 -23.48 17.64
N THR B 4 -16.44 -24.03 16.46
CA THR B 4 -15.50 -24.14 15.34
C THR B 4 -15.20 -22.80 14.65
N PRO B 5 -13.94 -22.60 14.20
CA PRO B 5 -13.64 -21.41 13.39
C PRO B 5 -14.25 -21.43 12.00
N LYS B 6 -14.90 -20.33 11.64
CA LYS B 6 -15.42 -20.12 10.31
C LYS B 6 -14.38 -19.30 9.56
N VAL B 7 -13.92 -19.84 8.44
CA VAL B 7 -12.77 -19.31 7.75
C VAL B 7 -13.11 -18.84 6.34
N GLN B 8 -12.67 -17.63 5.97
CA GLN B 8 -12.70 -17.19 4.57
C GLN B 8 -11.30 -16.81 4.11
N VAL B 9 -11.08 -16.90 2.80
CA VAL B 9 -9.82 -16.52 2.20
C VAL B 9 -10.13 -15.67 0.97
N TYR B 10 -9.51 -14.50 0.90
CA TYR B 10 -9.80 -13.51 -0.14
C TYR B 10 -8.63 -12.57 -0.30
N SER B 11 -8.63 -11.83 -1.40
CA SER B 11 -7.58 -10.85 -1.63
C SER B 11 -8.10 -9.45 -1.48
N ARG B 12 -7.19 -8.53 -1.15
CA ARG B 12 -7.54 -7.12 -0.92
C ARG B 12 -8.19 -6.52 -2.15
N PHE B 13 -7.53 -6.66 -3.30
CA PHE B 13 -8.08 -6.22 -4.58
C PHE B 13 -8.54 -7.42 -5.41
N PRO B 14 -9.48 -7.20 -6.36
CA PRO B 14 -9.77 -8.24 -7.32
C PRO B 14 -8.50 -8.57 -8.08
N ALA B 15 -8.15 -9.84 -8.10
CA ALA B 15 -6.81 -10.26 -8.47
C ALA B 15 -6.59 -10.23 -9.98
N SER B 16 -5.39 -9.84 -10.38
CA SER B 16 -4.98 -9.86 -11.76
C SER B 16 -3.54 -10.35 -11.87
N ALA B 17 -3.17 -10.77 -13.08
CA ALA B 17 -1.83 -11.29 -13.39
C ALA B 17 -0.79 -10.21 -13.15
N GLY B 18 0.29 -10.58 -12.47
CA GLY B 18 1.46 -9.72 -12.28
C GLY B 18 1.29 -8.49 -11.40
N THR B 19 0.15 -8.39 -10.74
CA THR B 19 -0.24 -7.17 -10.06
C THR B 19 -0.23 -7.38 -8.55
N LYS B 20 0.48 -6.52 -7.84
CA LYS B 20 0.60 -6.64 -6.36
C LYS B 20 -0.76 -6.63 -5.68
N ASN B 21 -0.81 -7.28 -4.53
CA ASN B 21 -2.05 -7.56 -3.86
C ASN B 21 -1.78 -7.96 -2.42
N VAL B 22 -2.83 -8.31 -1.70
CA VAL B 22 -2.68 -8.82 -0.37
C VAL B 22 -3.64 -9.97 -0.25
N LEU B 23 -3.16 -11.10 0.26
CA LEU B 23 -4.00 -12.26 0.54
C LEU B 23 -4.42 -12.25 1.98
N ASN B 24 -5.68 -12.54 2.22
CA ASN B 24 -6.27 -12.47 3.54
C ASN B 24 -6.86 -13.79 3.95
N CYS B 25 -6.66 -14.14 5.21
CA CYS B 25 -7.36 -15.26 5.79
C CYS B 25 -7.96 -14.84 7.11
N PHE B 26 -9.28 -14.82 7.18
CA PHE B 26 -9.98 -14.36 8.37
C PHE B 26 -10.71 -15.53 9.02
N ALA B 27 -10.50 -15.70 10.32
CA ALA B 27 -11.17 -16.74 11.08
C ALA B 27 -11.96 -16.08 12.19
N ALA B 28 -13.18 -16.53 12.38
CA ALA B 28 -14.03 -15.95 13.41
C ALA B 28 -14.92 -17.00 14.05
N GLY B 29 -15.61 -16.62 15.12
CA GLY B 29 -16.58 -17.47 15.77
C GLY B 29 -16.02 -18.63 16.57
N PHE B 30 -14.77 -18.52 17.01
CA PHE B 30 -14.12 -19.64 17.65
C PHE B 30 -13.76 -19.45 19.12
N HIS B 31 -13.52 -20.58 19.77
CA HIS B 31 -13.09 -20.66 21.16
C HIS B 31 -12.48 -22.03 21.40
N PRO B 32 -11.37 -22.13 22.15
CA PRO B 32 -10.55 -21.12 22.79
C PRO B 32 -9.76 -20.28 21.80
N PRO B 33 -9.13 -19.20 22.27
CA PRO B 33 -8.45 -18.29 21.37
C PRO B 33 -7.17 -18.82 20.70
N LYS B 34 -6.55 -19.85 21.28
CA LYS B 34 -5.37 -20.45 20.66
C LYS B 34 -5.73 -21.05 19.32
N ILE B 35 -5.06 -20.55 18.29
CA ILE B 35 -5.36 -20.91 16.92
C ILE B 35 -4.11 -20.75 16.10
N SER B 36 -3.90 -21.68 15.18
CA SER B 36 -2.83 -21.60 14.20
C SER B 36 -3.45 -21.35 12.82
N ILE B 37 -2.98 -20.31 12.14
CA ILE B 37 -3.52 -19.88 10.85
C ILE B 37 -2.34 -19.54 9.98
N THR B 38 -2.12 -20.27 8.89
CA THR B 38 -0.91 -20.12 8.09
C THR B 38 -1.25 -19.96 6.62
N LEU B 39 -0.90 -18.81 6.05
CA LEU B 39 -1.05 -18.58 4.62
C LEU B 39 0.00 -19.40 3.81
N MET B 40 -0.44 -20.06 2.73
CA MET B 40 0.44 -20.94 1.95
C MET B 40 0.33 -20.84 0.43
N LYS B 41 1.48 -20.98 -0.21
CA LYS B 41 1.58 -21.00 -1.65
C LYS B 41 2.17 -22.32 -2.10
N ASP B 42 1.41 -23.05 -2.93
CA ASP B 42 1.83 -24.35 -3.43
C ASP B 42 2.41 -25.26 -2.32
N GLY B 43 1.80 -25.21 -1.13
CA GLY B 43 2.21 -26.02 0.02
C GLY B 43 3.30 -25.43 0.91
N VAL B 44 3.77 -24.23 0.60
CA VAL B 44 4.87 -23.57 1.35
C VAL B 44 4.37 -22.33 2.10
N PRO B 45 4.68 -22.22 3.41
CA PRO B 45 4.35 -20.97 4.10
C PRO B 45 4.87 -19.72 3.38
N MET B 46 3.99 -18.73 3.22
CA MET B 46 4.33 -17.45 2.60
C MET B 46 4.99 -16.56 3.64
N GLU B 47 5.79 -15.59 3.19
CA GLU B 47 6.78 -14.94 4.05
C GLU B 47 6.34 -13.72 4.87
N GLY B 48 5.67 -12.74 4.28
CA GLY B 48 5.42 -11.48 5.01
C GLY B 48 4.16 -11.41 5.88
N ALA B 49 3.71 -12.54 6.41
CA ALA B 49 2.42 -12.62 7.09
C ALA B 49 2.36 -11.81 8.41
N GLN B 50 1.29 -11.05 8.58
CA GLN B 50 1.04 -10.27 9.79
C GLN B 50 -0.24 -10.81 10.44
N TYR B 51 -0.27 -10.85 11.77
CA TYR B 51 -1.38 -11.46 12.52
C TYR B 51 -2.00 -10.42 13.39
N SER B 52 -3.32 -10.30 13.36
CA SER B 52 -3.97 -9.34 14.23
C SER B 52 -3.96 -9.80 15.70
N ASP B 53 -3.90 -8.81 16.57
CA ASP B 53 -3.95 -9.01 17.99
C ASP B 53 -5.30 -9.61 18.37
N MET B 54 -5.30 -10.44 19.40
CA MET B 54 -6.49 -11.20 19.78
C MET B 54 -7.66 -10.29 20.18
N SER B 55 -8.79 -10.52 19.55
CA SER B 55 -9.99 -9.70 19.70
C SER B 55 -11.22 -10.59 19.61
N PHE B 56 -12.36 -10.08 20.00
CA PHE B 56 -13.57 -10.87 19.99
C PHE B 56 -14.81 -10.06 19.66
N ASN B 57 -15.91 -10.76 19.41
CA ASN B 57 -17.17 -10.11 19.14
C ASN B 57 -18.07 -10.11 20.36
N ASP B 58 -19.24 -9.51 20.22
CA ASP B 58 -20.17 -9.36 21.34
C ASP B 58 -20.71 -10.67 21.88
N ASP B 59 -20.71 -11.74 21.08
CA ASP B 59 -21.09 -13.06 21.60
C ASP B 59 -19.93 -13.79 22.27
N TRP B 60 -18.84 -13.07 22.51
CA TRP B 60 -17.59 -13.56 23.13
C TRP B 60 -16.69 -14.43 22.25
N THR B 61 -17.12 -14.75 21.03
CA THR B 61 -16.31 -15.59 20.15
C THR B 61 -15.15 -14.80 19.57
N PHE B 62 -14.02 -15.46 19.43
CA PHE B 62 -12.79 -14.78 19.02
C PHE B 62 -12.66 -14.68 17.51
N GLN B 63 -11.78 -13.79 17.07
CA GLN B 63 -11.46 -13.65 15.65
C GLN B 63 -10.03 -13.21 15.46
N ARG B 64 -9.47 -13.53 14.28
CA ARG B 64 -8.13 -13.09 13.88
C ARG B 64 -8.03 -12.99 12.37
N LEU B 65 -7.43 -11.91 11.88
CA LEU B 65 -7.07 -11.77 10.48
C LEU B 65 -5.58 -12.01 10.26
N VAL B 66 -5.23 -12.78 9.25
CA VAL B 66 -3.85 -12.93 8.82
C VAL B 66 -3.71 -12.47 7.37
N HIS B 67 -2.76 -11.59 7.09
CA HIS B 67 -2.59 -11.06 5.74
C HIS B 67 -1.13 -10.97 5.35
N ALA B 68 -0.84 -11.22 4.07
CA ALA B 68 0.50 -11.09 3.54
C ALA B 68 0.45 -10.43 2.18
N ASP B 69 1.42 -9.56 1.92
CA ASP B 69 1.59 -9.01 0.59
C ASP B 69 2.00 -10.12 -0.37
N PHE B 70 1.46 -10.10 -1.59
CA PHE B 70 1.82 -11.09 -2.59
C PHE B 70 1.42 -10.67 -3.97
N THR B 71 1.98 -11.35 -4.95
CA THR B 71 1.65 -11.17 -6.35
C THR B 71 1.26 -12.54 -6.85
N PRO B 72 -0.04 -12.75 -7.14
CA PRO B 72 -0.50 -14.10 -7.49
C PRO B 72 0.01 -14.56 -8.86
N SER B 73 0.63 -15.75 -8.91
CA SER B 73 1.05 -16.34 -10.18
C SER B 73 0.03 -17.38 -10.57
N SER B 74 -0.38 -17.35 -11.83
CA SER B 74 -1.41 -18.26 -12.29
C SER B 74 -0.86 -19.67 -12.32
N GLY B 75 -1.71 -20.63 -12.01
CA GLY B 75 -1.28 -22.02 -11.89
C GLY B 75 -0.66 -22.40 -10.55
N SER B 76 -0.62 -21.48 -9.60
CA SER B 76 -0.24 -21.82 -8.24
C SER B 76 -1.52 -22.03 -7.43
N THR B 77 -1.40 -22.79 -6.35
CA THR B 77 -2.48 -22.95 -5.40
C THR B 77 -2.17 -22.15 -4.14
N TYR B 78 -3.04 -21.20 -3.81
CA TYR B 78 -2.95 -20.42 -2.58
C TYR B 78 -4.01 -20.91 -1.62
N ALA B 79 -3.66 -21.01 -0.34
CA ALA B 79 -4.59 -21.55 0.64
C ALA B 79 -4.27 -21.06 2.04
N CYS B 80 -5.21 -21.27 2.95
CA CYS B 80 -5.05 -20.95 4.37
C CYS B 80 -5.24 -22.22 5.18
N LYS B 81 -4.22 -22.58 5.94
CA LYS B 81 -4.24 -23.82 6.73
C LYS B 81 -4.53 -23.46 8.16
N VAL B 82 -5.58 -24.02 8.74
CA VAL B 82 -6.02 -23.67 10.06
C VAL B 82 -6.01 -24.79 11.09
N GLU B 83 -5.35 -24.59 12.21
CA GLU B 83 -5.48 -25.51 13.34
C GLU B 83 -6.25 -24.98 14.53
N HIS B 84 -7.02 -25.83 15.16
CA HIS B 84 -7.79 -25.49 16.32
C HIS B 84 -8.21 -26.77 17.00
N GLU B 85 -8.41 -26.74 18.30
CA GLU B 85 -8.87 -27.85 19.11
C GLU B 85 -10.19 -28.45 18.69
N THR B 86 -10.98 -27.67 18.00
CA THR B 86 -12.29 -28.12 17.63
C THR B 86 -12.23 -29.01 16.43
N LEU B 87 -11.08 -29.02 15.78
CA LEU B 87 -10.88 -29.76 14.54
C LEU B 87 -9.93 -30.96 14.69
N LYS B 88 -10.38 -32.12 14.21
CA LYS B 88 -9.59 -33.34 14.26
C LYS B 88 -8.30 -33.08 13.55
N GLU B 89 -8.40 -32.68 12.28
CA GLU B 89 -7.20 -32.43 11.48
C GLU B 89 -7.19 -30.99 10.98
N PRO B 90 -6.02 -30.48 10.61
CA PRO B 90 -5.93 -29.19 9.94
C PRO B 90 -6.89 -29.07 8.77
N GLN B 91 -7.56 -27.91 8.64
CA GLN B 91 -8.42 -27.63 7.50
C GLN B 91 -7.71 -26.66 6.55
N VAL B 92 -7.82 -26.92 5.25
CA VAL B 92 -7.15 -26.11 4.27
C VAL B 92 -8.19 -25.47 3.36
N TYR B 93 -8.25 -24.14 3.37
CA TYR B 93 -9.24 -23.39 2.64
C TYR B 93 -8.58 -22.75 1.43
N LYS B 94 -9.00 -23.15 0.23
CA LYS B 94 -8.35 -22.71 -1.01
C LYS B 94 -8.83 -21.33 -1.40
N TRP B 95 -7.90 -20.52 -1.91
CA TRP B 95 -8.25 -19.22 -2.44
C TRP B 95 -8.68 -19.39 -3.87
N ASP B 96 -9.76 -18.72 -4.23
CA ASP B 96 -10.18 -18.66 -5.61
C ASP B 96 -9.67 -17.32 -6.13
N PRO B 97 -8.74 -17.35 -7.11
CA PRO B 97 -8.18 -16.13 -7.67
C PRO B 97 -9.17 -15.31 -8.48
N GLU B 98 -10.09 -15.98 -9.14
CA GLU B 98 -11.11 -15.32 -9.97
C GLU B 98 -10.54 -14.63 -11.21
N PHE B 99 -9.45 -15.15 -11.75
CA PHE B 99 -8.94 -14.78 -13.06
C PHE B 99 -8.12 -16.01 -13.48
N ARG C 1 -10.46 6.90 26.75
CA ARG C 1 -9.68 6.41 27.91
C ARG C 1 -10.29 5.10 28.38
N GLU C 2 -9.49 4.29 29.03
CA GLU C 2 -10.04 3.14 29.72
C GLU C 2 -10.46 3.45 31.15
N VAL C 3 -11.14 2.48 31.76
CA VAL C 3 -11.65 2.55 33.13
C VAL C 3 -10.61 2.14 34.14
N ASP C 4 -10.79 2.64 35.35
CA ASP C 4 -10.05 2.17 36.53
C ASP C 4 -9.91 0.61 36.58
N GLU C 5 -8.67 0.13 36.64
CA GLU C 5 -8.38 -1.33 36.74
C GLU C 5 -9.31 -2.07 37.68
N GLN C 6 -9.49 -1.54 38.89
CA GLN C 6 -10.27 -2.21 39.93
C GLN C 6 -11.65 -2.68 39.45
N LEU C 7 -12.22 -1.97 38.49
CA LEU C 7 -13.53 -2.30 37.99
C LEU C 7 -13.53 -3.55 37.10
N LEU C 8 -12.36 -4.14 36.84
CA LEU C 8 -12.29 -5.43 36.17
C LEU C 8 -11.99 -6.59 37.12
N SER C 9 -11.98 -6.34 38.43
CA SER C 9 -11.62 -7.38 39.37
C SER C 9 -12.86 -8.21 39.66
N VAL C 10 -12.70 -9.53 39.56
CA VAL C 10 -13.73 -10.50 39.92
C VAL C 10 -13.55 -10.93 41.39
N GLU D 1 7.51 -8.51 -29.05
CA GLU D 1 7.34 -7.43 -28.04
C GLU D 1 8.69 -6.76 -27.73
N LEU D 2 8.72 -5.43 -27.79
CA LEU D 2 9.90 -4.65 -27.42
C LEU D 2 10.38 -4.98 -25.99
N HIS D 3 11.67 -5.26 -25.84
CA HIS D 3 12.29 -5.34 -24.50
C HIS D 3 13.63 -4.60 -24.43
N THR D 4 13.93 -4.02 -23.28
CA THR D 4 15.12 -3.20 -23.13
C THR D 4 15.81 -3.48 -21.81
N LEU D 5 17.14 -3.58 -21.82
CA LEU D 5 17.94 -3.59 -20.59
C LEU D 5 18.80 -2.32 -20.59
N ARG D 6 18.77 -1.54 -19.51
CA ARG D 6 19.61 -0.35 -19.39
C ARG D 6 20.30 -0.32 -18.06
N TYR D 7 21.60 -0.02 -18.08
CA TYR D 7 22.38 0.19 -16.86
C TYR D 7 22.85 1.65 -16.87
N ILE D 8 22.55 2.38 -15.79
CA ILE D 8 22.63 3.84 -15.80
C ILE D 8 23.45 4.35 -14.62
N ARG D 9 24.62 4.90 -14.93
CA ARG D 9 25.67 5.18 -13.95
C ARG D 9 25.93 6.68 -13.86
N THR D 10 26.05 7.17 -12.63
CA THR D 10 26.32 8.57 -12.39
C THR D 10 27.42 8.64 -11.35
N ALA D 11 28.54 9.25 -11.72
CA ALA D 11 29.60 9.55 -10.78
C ALA D 11 29.65 11.08 -10.67
N MET D 12 29.64 11.60 -9.44
CA MET D 12 29.59 13.06 -9.25
C MET D 12 30.46 13.54 -8.08
N THR D 13 31.03 14.74 -8.23
CA THR D 13 31.88 15.32 -7.20
C THR D 13 31.09 16.05 -6.11
N ASP D 14 29.86 16.45 -6.43
CA ASP D 14 29.02 17.28 -5.54
C ASP D 14 27.58 16.74 -5.58
N PRO D 15 27.33 15.62 -4.87
CA PRO D 15 26.07 14.83 -4.86
C PRO D 15 24.70 15.45 -4.42
N GLY D 16 24.55 16.09 -3.25
CA GLY D 16 25.54 16.20 -2.20
C GLY D 16 24.96 15.76 -0.86
N PRO D 17 24.42 16.71 -0.06
CA PRO D 17 24.09 16.45 1.37
C PRO D 17 23.48 15.07 1.64
N GLY D 18 24.24 14.23 2.36
CA GLY D 18 23.76 12.91 2.73
C GLY D 18 23.61 11.90 1.60
N LEU D 19 23.91 12.31 0.35
CA LEU D 19 23.66 11.46 -0.82
C LEU D 19 24.98 10.83 -1.34
N PRO D 20 24.89 9.69 -2.06
CA PRO D 20 26.08 9.00 -2.50
C PRO D 20 26.62 9.59 -3.79
N TRP D 21 27.94 9.63 -3.92
CA TRP D 21 28.60 10.26 -5.06
C TRP D 21 28.57 9.39 -6.31
N PHE D 22 28.39 8.07 -6.13
CA PHE D 22 28.27 7.14 -7.25
C PHE D 22 27.02 6.28 -7.11
N VAL D 23 26.16 6.29 -8.13
CA VAL D 23 25.00 5.41 -8.15
C VAL D 23 24.95 4.68 -9.47
N ASP D 24 24.47 3.44 -9.42
CA ASP D 24 24.20 2.63 -10.61
C ASP D 24 22.85 1.95 -10.43
N VAL D 25 21.95 2.20 -11.38
CA VAL D 25 20.62 1.64 -11.36
C VAL D 25 20.35 0.93 -12.69
N GLY D 26 19.88 -0.32 -12.58
CA GLY D 26 19.54 -1.14 -13.75
C GLY D 26 18.05 -1.19 -13.99
N TYR D 27 17.67 -1.18 -15.25
CA TYR D 27 16.27 -1.18 -15.66
C TYR D 27 16.00 -2.26 -16.70
N VAL D 28 14.87 -2.95 -16.55
CA VAL D 28 14.38 -3.89 -17.55
C VAL D 28 13.02 -3.39 -17.99
N ASP D 29 12.84 -3.23 -19.29
CA ASP D 29 11.61 -2.62 -19.84
C ASP D 29 11.16 -1.44 -19.02
N GLY D 30 12.08 -0.54 -18.73
CA GLY D 30 11.78 0.67 -17.94
C GLY D 30 11.57 0.51 -16.44
N GLU D 31 11.60 -0.73 -15.94
CA GLU D 31 11.32 -1.00 -14.53
C GLU D 31 12.59 -1.26 -13.74
N LEU D 32 12.79 -0.46 -12.69
CA LEU D 32 14.00 -0.55 -11.87
C LEU D 32 14.12 -1.94 -11.25
N PHE D 33 15.20 -2.62 -11.56
CA PHE D 33 15.38 -3.99 -11.09
C PHE D 33 16.65 -4.23 -10.31
N MET D 34 17.70 -3.43 -10.52
CA MET D 34 18.89 -3.49 -9.64
C MET D 34 19.41 -2.12 -9.23
N HIS D 35 20.16 -2.11 -8.15
CA HIS D 35 20.66 -0.87 -7.59
C HIS D 35 21.99 -1.05 -6.89
N TYR D 36 22.88 -0.09 -7.11
CA TYR D 36 24.12 0.01 -6.37
C TYR D 36 24.38 1.48 -6.09
N ASN D 37 24.95 1.79 -4.92
CA ASN D 37 25.57 3.09 -4.71
C ASN D 37 26.76 2.97 -3.80
N SER D 38 27.45 4.10 -3.61
CA SER D 38 28.75 4.11 -2.98
C SER D 38 28.68 4.15 -1.46
N THR D 39 27.47 4.24 -0.90
CA THR D 39 27.31 4.13 0.55
C THR D 39 27.04 2.68 0.91
N ALA D 40 26.02 2.08 0.30
CA ALA D 40 25.74 0.66 0.55
C ALA D 40 26.94 -0.23 0.19
N ARG D 41 27.59 0.08 -0.95
CA ARG D 41 28.68 -0.74 -1.52
C ARG D 41 28.18 -2.16 -1.76
N ARG D 42 26.93 -2.27 -2.20
CA ARG D 42 26.29 -3.55 -2.45
C ARG D 42 25.32 -3.43 -3.64
N ALA D 43 25.46 -4.32 -4.62
CA ALA D 43 24.49 -4.43 -5.68
C ALA D 43 23.27 -5.17 -5.11
N VAL D 44 22.08 -4.60 -5.29
CA VAL D 44 20.88 -5.09 -4.61
C VAL D 44 19.66 -5.18 -5.56
N PRO D 45 18.81 -6.21 -5.39
CA PRO D 45 17.61 -6.40 -6.23
C PRO D 45 16.50 -5.40 -5.93
N ARG D 46 15.70 -5.08 -6.93
CA ARG D 46 14.65 -4.08 -6.75
C ARG D 46 13.23 -4.46 -7.18
N THR D 47 13.04 -5.63 -7.77
CA THR D 47 11.72 -6.19 -7.93
C THR D 47 11.68 -7.52 -7.19
N GLU D 48 10.47 -7.99 -6.89
CA GLU D 48 10.31 -9.35 -6.35
C GLU D 48 10.84 -10.37 -7.37
N TRP D 49 10.50 -10.19 -8.64
CA TRP D 49 10.81 -11.22 -9.62
C TRP D 49 12.33 -11.44 -9.84
N ILE D 50 13.14 -10.40 -9.75
CA ILE D 50 14.60 -10.61 -9.80
C ILE D 50 15.14 -11.23 -8.50
N ALA D 51 14.52 -10.90 -7.39
CA ALA D 51 14.93 -11.43 -6.08
C ALA D 51 14.76 -12.95 -6.02
N ALA D 52 13.66 -13.41 -6.62
CA ALA D 52 13.24 -14.81 -6.55
C ALA D 52 14.06 -15.68 -7.50
N ASN D 53 14.51 -15.08 -8.60
CA ASN D 53 15.22 -15.80 -9.65
C ASN D 53 16.75 -15.58 -9.65
N THR D 54 17.30 -15.22 -8.50
CA THR D 54 18.73 -15.07 -8.37
C THR D 54 19.17 -15.49 -6.99
N ASP D 55 20.37 -16.04 -6.91
CA ASP D 55 20.94 -16.45 -5.61
C ASP D 55 21.91 -15.36 -5.14
N GLN D 56 22.69 -15.66 -4.11
CA GLN D 56 23.76 -14.78 -3.65
C GLN D 56 24.94 -14.68 -4.62
N GLN D 57 25.21 -15.75 -5.40
CA GLN D 57 26.37 -15.74 -6.31
C GLN D 57 26.21 -14.60 -7.30
N TYR D 58 24.99 -14.41 -7.77
CA TYR D 58 24.70 -13.38 -8.75
C TYR D 58 25.03 -12.02 -8.15
N TRP D 59 24.45 -11.73 -7.00
CA TRP D 59 24.65 -10.44 -6.34
C TRP D 59 26.03 -10.23 -5.75
N ASP D 60 26.78 -11.31 -5.54
CA ASP D 60 28.18 -11.23 -5.16
C ASP D 60 28.97 -10.80 -6.40
N ARG D 61 28.59 -11.36 -7.54
CA ARG D 61 29.23 -11.07 -8.83
C ARG D 61 29.01 -9.60 -9.22
N GLU D 62 27.74 -9.19 -9.35
CA GLU D 62 27.41 -7.82 -9.70
C GLU D 62 28.05 -6.84 -8.73
N THR D 63 28.13 -7.20 -7.45
CA THR D 63 28.70 -6.30 -6.47
C THR D 63 30.17 -6.04 -6.76
N GLN D 64 30.94 -7.09 -7.08
CA GLN D 64 32.37 -6.91 -7.34
C GLN D 64 32.60 -6.15 -8.64
N ILE D 65 31.80 -6.46 -9.65
CA ILE D 65 31.86 -5.76 -10.92
C ILE D 65 31.50 -4.29 -10.78
N VAL D 66 30.43 -3.98 -10.05
CA VAL D 66 30.02 -2.58 -9.84
C VAL D 66 30.93 -1.86 -8.83
N GLN D 67 31.48 -2.56 -7.85
CA GLN D 67 32.52 -1.99 -6.96
C GLN D 67 33.77 -1.53 -7.76
N GLY D 68 34.20 -2.35 -8.70
CA GLY D 68 35.29 -1.98 -9.58
C GLY D 68 34.90 -0.81 -10.46
N SER D 69 33.65 -0.81 -10.90
CA SER D 69 33.13 0.26 -11.75
C SER D 69 33.22 1.61 -11.01
N GLU D 70 32.90 1.58 -9.73
CA GLU D 70 32.95 2.77 -8.91
C GLU D 70 34.38 3.29 -8.95
N GLN D 71 35.34 2.45 -8.57
CA GLN D 71 36.75 2.88 -8.56
C GLN D 71 37.20 3.40 -9.95
N ILE D 72 36.78 2.75 -11.04
CA ILE D 72 37.08 3.25 -12.39
C ILE D 72 36.51 4.66 -12.60
N ASN D 73 35.34 4.93 -12.04
CA ASN D 73 34.74 6.27 -12.17
C ASN D 73 35.27 7.32 -11.18
N ARG D 74 35.87 6.91 -10.06
CA ARG D 74 36.62 7.84 -9.21
C ARG D 74 37.85 8.34 -9.98
N GLU D 75 38.53 7.42 -10.67
CA GLU D 75 39.64 7.77 -11.56
C GLU D 75 39.16 8.62 -12.73
N ASN D 76 38.04 8.26 -13.33
CA ASN D 76 37.50 8.99 -14.47
C ASN D 76 37.28 10.47 -14.16
N LEU D 77 36.77 10.75 -12.97
CA LEU D 77 36.54 12.14 -12.57
C LEU D 77 37.85 12.90 -12.54
N ASP D 78 38.88 12.29 -11.94
CA ASP D 78 40.23 12.91 -11.86
C ASP D 78 40.86 13.13 -13.24
N ILE D 79 40.70 12.14 -14.13
CA ILE D 79 41.32 12.22 -15.43
C ILE D 79 40.65 13.28 -16.28
N LEU D 80 39.33 13.25 -16.38
CA LEU D 80 38.61 14.23 -17.24
C LEU D 80 38.73 15.67 -16.73
N ARG D 81 38.81 15.84 -15.42
CA ARG D 81 39.08 17.17 -14.87
C ARG D 81 40.39 17.70 -15.43
N ARG D 82 41.44 16.86 -15.46
CA ARG D 82 42.76 17.32 -15.94
C ARG D 82 42.77 17.63 -17.42
N ARG D 83 42.09 16.82 -18.21
CA ARG D 83 41.96 17.08 -19.64
C ARG D 83 41.19 18.36 -19.95
N TYR D 84 40.30 18.76 -19.03
CA TYR D 84 39.48 19.96 -19.22
C TYR D 84 40.07 21.20 -18.54
N ASN D 85 41.26 21.04 -17.96
CA ASN D 85 41.95 22.13 -17.25
C ASN D 85 41.26 22.58 -15.97
N GLN D 86 40.39 21.73 -15.43
CA GLN D 86 39.57 22.07 -14.27
C GLN D 86 40.18 21.62 -12.95
N THR D 87 39.81 22.31 -11.88
CA THR D 87 40.21 21.93 -10.52
C THR D 87 38.99 22.04 -9.58
N GLY D 88 38.89 21.09 -8.65
CA GLY D 88 37.75 21.01 -7.70
C GLY D 88 36.40 21.10 -8.38
N GLY D 89 35.43 21.72 -7.72
CA GLY D 89 34.17 22.11 -8.34
C GLY D 89 33.19 20.98 -8.53
N SER D 90 32.17 21.26 -9.34
CA SER D 90 30.99 20.41 -9.51
C SER D 90 31.02 19.78 -10.90
N HIS D 91 31.25 18.47 -10.95
CA HIS D 91 31.34 17.74 -12.22
C HIS D 91 30.78 16.34 -12.11
N THR D 92 30.41 15.78 -13.26
CA THR D 92 29.76 14.48 -13.35
C THR D 92 30.22 13.65 -14.56
N VAL D 93 30.44 12.35 -14.37
CA VAL D 93 30.52 11.41 -15.50
C VAL D 93 29.25 10.56 -15.51
N GLN D 94 28.66 10.40 -16.69
CA GLN D 94 27.46 9.61 -16.87
C GLN D 94 27.76 8.51 -17.87
N TRP D 95 27.41 7.27 -17.53
CA TRP D 95 27.59 6.12 -18.40
C TRP D 95 26.29 5.40 -18.58
N MET D 96 25.87 5.21 -19.83
CA MET D 96 24.70 4.41 -20.15
C MET D 96 25.14 3.20 -20.99
N SER D 97 24.64 2.02 -20.66
CA SER D 97 24.90 0.79 -21.43
C SER D 97 23.68 -0.10 -21.41
N GLY D 98 23.49 -0.86 -22.47
CA GLY D 98 22.39 -1.82 -22.52
C GLY D 98 22.02 -2.26 -23.91
N CYS D 99 20.89 -2.94 -24.04
CA CYS D 99 20.50 -3.48 -25.34
C CYS D 99 18.99 -3.50 -25.54
N ASP D 100 18.59 -3.60 -26.80
CA ASP D 100 17.19 -3.74 -27.18
C ASP D 100 17.00 -5.01 -27.97
N ILE D 101 15.95 -5.76 -27.66
CA ILE D 101 15.42 -6.81 -28.54
C ILE D 101 14.11 -6.31 -29.17
N LEU D 102 14.01 -6.29 -30.50
CA LEU D 102 12.72 -6.02 -31.16
C LEU D 102 12.02 -7.36 -31.44
N GLU D 103 10.77 -7.31 -31.90
CA GLU D 103 10.02 -8.54 -32.24
C GLU D 103 10.58 -9.11 -33.54
N ASP D 104 10.86 -8.22 -34.48
CA ASP D 104 11.68 -8.49 -35.66
C ASP D 104 12.88 -9.44 -35.41
N GLY D 105 13.26 -9.66 -34.16
CA GLY D 105 14.41 -10.51 -33.82
C GLY D 105 15.69 -9.70 -33.77
N THR D 106 15.62 -8.46 -34.26
CA THR D 106 16.75 -7.52 -34.26
C THR D 106 17.26 -7.18 -32.83
N ILE D 107 18.56 -6.92 -32.77
CA ILE D 107 19.24 -6.43 -31.57
C ILE D 107 19.83 -5.03 -31.79
N ARG D 108 19.71 -4.17 -30.78
CA ARG D 108 20.47 -2.93 -30.73
C ARG D 108 21.32 -2.92 -29.46
N GLY D 109 22.37 -2.11 -29.47
CA GLY D 109 23.33 -2.02 -28.37
C GLY D 109 23.71 -0.58 -28.13
N TYR D 110 23.90 -0.23 -26.87
CA TYR D 110 24.20 1.15 -26.50
C TYR D 110 25.35 1.15 -25.50
N HIS D 111 26.30 2.05 -25.71
CA HIS D 111 27.35 2.25 -24.73
C HIS D 111 27.89 3.65 -24.94
N GLN D 112 27.59 4.54 -24.01
CA GLN D 112 27.90 5.95 -24.18
C GLN D 112 28.11 6.65 -22.84
N ALA D 113 28.94 7.69 -22.87
CA ALA D 113 29.30 8.44 -21.69
C ALA D 113 29.08 9.90 -21.97
N ALA D 114 28.90 10.67 -20.91
CA ALA D 114 28.76 12.12 -21.01
C ALA D 114 29.56 12.74 -19.89
N TYR D 115 30.17 13.88 -20.18
CA TYR D 115 30.83 14.66 -19.16
C TYR D 115 30.09 15.96 -18.94
N ASP D 116 29.89 16.32 -17.67
CA ASP D 116 29.14 17.50 -17.29
C ASP D 116 27.95 17.67 -18.21
N GLY D 117 27.24 16.57 -18.45
CA GLY D 117 25.96 16.60 -19.16
C GLY D 117 26.06 16.74 -20.66
N ARG D 118 27.25 16.55 -21.20
CA ARG D 118 27.42 16.66 -22.64
C ARG D 118 28.11 15.40 -23.19
N ASP D 119 27.64 14.94 -24.35
CA ASP D 119 28.21 13.79 -25.07
C ASP D 119 29.73 13.81 -24.96
N PHE D 120 30.30 12.67 -24.58
CA PHE D 120 31.74 12.52 -24.48
C PHE D 120 32.22 11.41 -25.42
N VAL D 121 31.69 10.20 -25.27
CA VAL D 121 31.97 9.10 -26.21
C VAL D 121 30.72 8.26 -26.47
N ALA D 122 30.69 7.62 -27.63
CA ALA D 122 29.61 6.72 -28.02
C ALA D 122 30.24 5.56 -28.80
N PHE D 123 29.68 4.37 -28.63
CA PHE D 123 30.12 3.22 -29.39
C PHE D 123 29.28 3.18 -30.66
N ASP D 124 29.92 2.89 -31.79
CA ASP D 124 29.20 2.74 -33.06
C ASP D 124 29.42 1.32 -33.55
N LYS D 125 28.49 0.43 -33.23
CA LYS D 125 28.68 -0.99 -33.54
C LYS D 125 28.72 -1.28 -35.06
N GLY D 126 28.01 -0.46 -35.84
CA GLY D 126 28.06 -0.58 -37.30
C GLY D 126 29.49 -0.51 -37.83
N THR D 127 30.17 0.61 -37.51
CA THR D 127 31.57 0.80 -37.92
C THR D 127 32.57 0.17 -36.93
N MET D 128 32.07 -0.33 -35.79
CA MET D 128 32.90 -1.00 -34.79
C MET D 128 33.97 -0.09 -34.17
N THR D 129 33.57 1.15 -33.87
CA THR D 129 34.48 2.14 -33.30
C THR D 129 33.84 2.90 -32.14
N LEU D 130 34.71 3.37 -31.23
CA LEU D 130 34.36 4.36 -30.24
C LEU D 130 34.50 5.72 -30.91
N THR D 131 33.39 6.48 -30.98
CA THR D 131 33.43 7.84 -31.51
C THR D 131 33.64 8.79 -30.36
N ALA D 132 34.53 9.75 -30.56
CA ALA D 132 34.85 10.78 -29.56
C ALA D 132 34.08 12.00 -30.00
N ALA D 133 33.32 12.60 -29.09
CA ALA D 133 32.44 13.71 -29.44
C ALA D 133 33.15 15.06 -29.35
N VAL D 134 34.15 15.14 -28.47
CA VAL D 134 34.94 16.36 -28.28
C VAL D 134 36.41 15.97 -28.13
N PRO D 135 37.34 16.91 -28.38
CA PRO D 135 38.78 16.59 -28.34
C PRO D 135 39.23 15.93 -27.05
N GLU D 136 38.57 16.25 -25.94
CA GLU D 136 38.88 15.64 -24.66
C GLU D 136 38.56 14.12 -24.60
N ALA D 137 37.79 13.61 -25.56
CA ALA D 137 37.56 12.15 -25.68
C ALA D 137 38.51 11.40 -26.63
N VAL D 138 39.37 12.12 -27.37
CA VAL D 138 40.32 11.46 -28.30
C VAL D 138 41.29 10.48 -27.60
N PRO D 139 41.88 10.86 -26.46
CA PRO D 139 42.73 9.90 -25.71
C PRO D 139 42.00 8.63 -25.23
N THR D 140 40.68 8.72 -25.04
CA THR D 140 39.90 7.53 -24.67
C THR D 140 39.76 6.58 -25.87
N LYS D 141 39.35 7.14 -27.02
CA LYS D 141 39.37 6.41 -28.29
C LYS D 141 40.73 5.72 -28.54
N ARG D 142 41.82 6.45 -28.33
CA ARG D 142 43.15 5.84 -28.50
C ARG D 142 43.38 4.69 -27.51
N LYS D 143 42.81 4.80 -26.31
CA LYS D 143 42.93 3.73 -25.30
C LYS D 143 42.16 2.48 -25.78
N TRP D 144 40.99 2.67 -26.34
CA TRP D 144 40.16 1.55 -26.83
C TRP D 144 40.77 0.84 -28.03
N GLU D 145 41.40 1.63 -28.90
CA GLU D 145 42.06 1.12 -30.10
C GLU D 145 43.25 0.22 -29.76
N GLU D 146 43.89 0.48 -28.63
CA GLU D 146 45.06 -0.29 -28.19
C GLU D 146 44.68 -1.43 -27.25
N GLY D 147 43.98 -1.12 -26.17
CA GLY D 147 43.62 -2.12 -25.17
C GLY D 147 42.69 -3.26 -25.60
N GLY D 148 42.30 -3.32 -26.87
CA GLY D 148 41.41 -4.40 -27.35
C GLY D 148 40.06 -4.45 -26.64
N TYR D 149 39.51 -3.27 -26.36
CA TYR D 149 38.24 -3.11 -25.63
C TYR D 149 37.04 -3.44 -26.52
N ALA D 150 37.07 -2.97 -27.77
CA ALA D 150 35.92 -3.03 -28.66
C ALA D 150 35.40 -4.43 -28.85
N GLU D 151 36.30 -5.41 -28.87
CA GLU D 151 35.87 -6.79 -29.03
C GLU D 151 35.11 -7.25 -27.78
N GLY D 152 35.70 -7.00 -26.61
CA GLY D 152 35.08 -7.36 -25.32
C GLY D 152 33.69 -6.78 -25.11
N LEU D 153 33.38 -5.67 -25.76
CA LEU D 153 32.06 -5.05 -25.70
C LEU D 153 31.12 -5.64 -26.73
N LYS D 154 31.66 -6.02 -27.89
CA LYS D 154 30.86 -6.70 -28.93
C LYS D 154 30.20 -7.92 -28.31
N GLN D 155 31.02 -8.70 -27.60
CA GLN D 155 30.54 -9.85 -26.85
C GLN D 155 29.42 -9.40 -25.92
N TYR D 156 29.69 -8.40 -25.09
CA TYR D 156 28.68 -7.94 -24.14
C TYR D 156 27.35 -7.60 -24.84
N LEU D 157 27.39 -6.68 -25.78
CA LEU D 157 26.17 -6.14 -26.39
C LEU D 157 25.38 -7.16 -27.17
N GLU D 158 26.08 -8.04 -27.88
CA GLU D 158 25.45 -8.97 -28.80
C GLU D 158 25.16 -10.32 -28.16
N GLU D 159 25.85 -10.63 -27.06
CA GLU D 159 25.63 -11.92 -26.37
C GLU D 159 25.13 -11.74 -24.94
N THR D 160 26.03 -11.36 -24.04
CA THR D 160 25.70 -11.31 -22.62
C THR D 160 24.50 -10.41 -22.31
N CYS D 161 24.46 -9.24 -22.93
CA CYS D 161 23.38 -8.31 -22.64
C CYS D 161 22.07 -8.96 -23.05
N VAL D 162 22.00 -9.43 -24.29
CA VAL D 162 20.76 -9.94 -24.86
C VAL D 162 20.24 -11.19 -24.15
N GLU D 163 21.15 -12.08 -23.78
CA GLU D 163 20.79 -13.34 -23.17
C GLU D 163 20.16 -13.13 -21.81
N TRP D 164 20.78 -12.25 -21.01
CA TRP D 164 20.25 -11.95 -19.68
C TRP D 164 18.97 -11.15 -19.74
N LEU D 165 18.86 -10.25 -20.71
CA LEU D 165 17.58 -9.58 -20.96
C LEU D 165 16.49 -10.61 -21.17
N ARG D 166 16.76 -11.61 -22.01
CA ARG D 166 15.78 -12.66 -22.28
C ARG D 166 15.44 -13.45 -21.05
N ARG D 167 16.44 -13.76 -20.24
CA ARG D 167 16.20 -14.36 -18.94
C ARG D 167 15.34 -13.47 -18.06
N TYR D 168 15.73 -12.20 -17.89
CA TYR D 168 15.02 -11.28 -16.97
C TYR D 168 13.56 -11.09 -17.40
N VAL D 169 13.34 -10.93 -18.70
CA VAL D 169 11.97 -10.82 -19.24
C VAL D 169 11.15 -12.07 -18.86
N GLU D 170 11.80 -13.22 -18.92
CA GLU D 170 11.18 -14.48 -18.57
C GLU D 170 10.88 -14.51 -17.07
N TYR D 171 11.88 -14.18 -16.24
CA TYR D 171 11.72 -14.15 -14.78
C TYR D 171 10.50 -13.37 -14.34
N GLY D 172 10.20 -12.28 -15.04
CA GLY D 172 9.12 -11.40 -14.65
C GLY D 172 8.14 -11.14 -15.76
N LYS D 173 7.81 -12.16 -16.55
CA LYS D 173 6.91 -11.91 -17.70
C LYS D 173 5.51 -11.48 -17.26
N ALA D 174 5.02 -12.03 -16.16
CA ALA D 174 3.70 -11.68 -15.62
C ALA D 174 3.66 -10.21 -15.15
N GLU D 175 4.70 -9.85 -14.42
CA GLU D 175 4.82 -8.53 -13.85
C GLU D 175 4.98 -7.46 -14.92
N LEU D 176 5.87 -7.69 -15.86
CA LEU D 176 6.10 -6.75 -16.97
C LEU D 176 4.92 -6.66 -17.94
N GLY D 177 4.18 -7.76 -18.09
CA GLY D 177 3.06 -7.81 -19.04
C GLY D 177 1.72 -7.40 -18.47
N ARG D 178 1.72 -7.05 -17.18
CA ARG D 178 0.51 -6.73 -16.44
C ARG D 178 -0.16 -5.48 -16.95
N ARG D 179 -1.41 -5.30 -16.55
CA ARG D 179 -2.20 -4.17 -16.92
C ARG D 179 -2.80 -3.63 -15.62
N GLU D 180 -2.65 -2.32 -15.39
CA GLU D 180 -3.30 -1.65 -14.28
C GLU D 180 -4.14 -0.50 -14.81
N ARG D 181 -5.43 -0.50 -14.50
CA ARG D 181 -6.36 0.54 -14.98
C ARG D 181 -6.13 1.83 -14.21
N PRO D 182 -6.17 2.97 -14.92
CA PRO D 182 -6.11 4.27 -14.24
C PRO D 182 -7.43 4.66 -13.57
N GLU D 183 -7.36 5.24 -12.38
CA GLU D 183 -8.49 6.02 -11.83
C GLU D 183 -8.37 7.40 -12.49
N VAL D 184 -9.46 7.87 -13.09
CA VAL D 184 -9.45 9.14 -13.80
C VAL D 184 -10.35 10.12 -13.06
N ARG D 185 -9.94 11.37 -12.97
CA ARG D 185 -10.78 12.43 -12.44
C ARG D 185 -10.78 13.66 -13.35
N VAL D 186 -11.96 14.24 -13.52
CA VAL D 186 -12.12 15.53 -14.17
C VAL D 186 -12.45 16.62 -13.15
N TRP D 187 -11.70 17.71 -13.23
CA TRP D 187 -11.82 18.85 -12.32
C TRP D 187 -11.82 20.15 -13.13
N GLY D 188 -12.69 21.09 -12.78
CA GLY D 188 -12.74 22.41 -13.45
C GLY D 188 -12.47 23.56 -12.48
N LYS D 189 -11.86 24.65 -12.98
CA LYS D 189 -11.42 25.75 -12.09
C LYS D 189 -11.44 27.18 -12.70
N GLU D 190 -11.72 28.17 -11.83
CA GLU D 190 -11.73 29.64 -12.12
C GLU D 190 -13.05 30.11 -12.75
N ALA D 191 -13.48 31.33 -12.40
CA ALA D 191 -14.77 31.91 -12.88
C ALA D 191 -15.98 31.02 -12.61
N ASP D 192 -16.13 30.62 -11.33
CA ASP D 192 -17.07 29.55 -10.86
C ASP D 192 -16.31 28.22 -10.68
N GLY D 193 -15.75 27.73 -11.79
CA GLY D 193 -15.01 26.46 -11.84
C GLY D 193 -15.18 25.76 -13.18
N ILE D 194 -15.18 26.54 -14.27
CA ILE D 194 -15.45 26.02 -15.62
C ILE D 194 -14.46 26.49 -16.73
N LEU D 195 -13.61 27.49 -16.45
CA LEU D 195 -12.68 28.00 -17.49
C LEU D 195 -11.70 26.87 -17.89
N THR D 196 -10.79 26.50 -16.96
CA THR D 196 -9.81 25.42 -17.20
C THR D 196 -10.39 24.05 -16.74
N LEU D 197 -10.32 23.04 -17.62
CA LEU D 197 -10.71 21.67 -17.31
C LEU D 197 -9.46 20.76 -17.22
N SER D 198 -9.39 19.97 -16.15
CA SER D 198 -8.27 19.06 -15.91
C SER D 198 -8.71 17.63 -16.13
N CYS D 199 -7.84 16.83 -16.75
CA CYS D 199 -8.02 15.38 -16.80
C CYS D 199 -6.77 14.69 -16.27
N ARG D 200 -6.94 13.92 -15.21
CA ARG D 200 -5.83 13.19 -14.60
C ARG D 200 -6.05 11.70 -14.62
N ALA D 201 -5.10 10.95 -15.15
CA ALA D 201 -5.10 9.49 -15.05
C ALA D 201 -4.14 9.10 -13.94
N HIS D 202 -4.67 8.41 -12.94
CA HIS D 202 -3.89 8.03 -11.77
C HIS D 202 -3.64 6.54 -11.76
N GLY D 203 -2.38 6.14 -11.74
CA GLY D 203 -2.03 4.77 -11.38
C GLY D 203 -2.10 3.74 -12.47
N PHE D 204 -1.78 4.13 -13.70
CA PHE D 204 -1.88 3.22 -14.85
C PHE D 204 -0.57 2.55 -15.17
N TYR D 205 -0.67 1.36 -15.78
CA TYR D 205 0.46 0.59 -16.27
C TYR D 205 -0.05 -0.29 -17.41
N PRO D 206 0.70 -0.39 -18.50
CA PRO D 206 2.03 0.09 -18.77
C PRO D 206 2.05 1.60 -19.09
N ARG D 207 3.23 2.11 -19.42
CA ARG D 207 3.51 3.54 -19.55
C ARG D 207 2.82 4.30 -20.72
N PRO D 208 2.70 3.66 -21.90
CA PRO D 208 2.00 4.34 -23.01
C PRO D 208 0.55 4.69 -22.72
N ILE D 209 0.13 5.87 -23.15
CA ILE D 209 -1.21 6.39 -22.88
C ILE D 209 -1.48 7.56 -23.82
N VAL D 210 -2.74 7.73 -24.20
CA VAL D 210 -3.15 8.91 -24.96
C VAL D 210 -4.34 9.50 -24.24
N VAL D 211 -4.13 10.67 -23.63
CA VAL D 211 -5.22 11.40 -22.98
C VAL D 211 -5.46 12.66 -23.81
N SER D 212 -6.69 12.83 -24.30
CA SER D 212 -7.05 14.03 -25.08
C SER D 212 -8.45 14.55 -24.71
N TRP D 213 -8.65 15.84 -24.96
CA TRP D 213 -9.94 16.50 -24.77
C TRP D 213 -10.73 16.61 -26.06
N LEU D 214 -12.06 16.44 -25.95
CA LEU D 214 -12.96 16.47 -27.11
C LEU D 214 -14.07 17.53 -27.00
N LYS D 215 -13.92 18.65 -27.72
CA LYS D 215 -14.98 19.69 -27.77
C LYS D 215 -16.03 19.25 -28.78
N ASP D 216 -17.27 19.05 -28.30
CA ASP D 216 -18.38 18.41 -29.07
C ASP D 216 -18.09 16.95 -29.34
N GLY D 217 -17.12 16.70 -30.24
CA GLY D 217 -16.75 15.36 -30.69
C GLY D 217 -15.44 15.33 -31.45
N ALA D 218 -15.10 16.45 -32.11
CA ALA D 218 -13.87 16.56 -32.91
C ALA D 218 -12.60 16.60 -32.05
N VAL D 219 -11.50 16.10 -32.61
CA VAL D 219 -10.20 16.08 -31.92
C VAL D 219 -9.65 17.49 -31.83
N ARG D 220 -9.85 18.12 -30.66
CA ARG D 220 -9.46 19.51 -30.42
C ARG D 220 -8.33 19.63 -29.40
N GLY D 221 -7.10 19.40 -29.88
CA GLY D 221 -5.88 19.65 -29.10
C GLY D 221 -5.36 21.09 -29.25
N GLN D 222 -6.27 22.01 -29.57
CA GLN D 222 -5.95 23.44 -29.67
C GLN D 222 -6.09 24.09 -28.28
N ASP D 223 -5.00 24.71 -27.82
CA ASP D 223 -4.84 25.23 -26.43
C ASP D 223 -4.50 24.16 -25.38
N ALA D 224 -4.37 22.90 -25.81
CA ALA D 224 -4.16 21.76 -24.91
C ALA D 224 -2.79 21.80 -24.25
N GLN D 225 -2.72 21.54 -22.96
CA GLN D 225 -1.42 21.45 -22.28
C GLN D 225 -1.33 20.10 -21.56
N SER D 226 -0.18 19.45 -21.71
CA SER D 226 0.06 18.12 -21.17
C SER D 226 1.20 18.21 -20.15
N GLY D 227 1.16 17.33 -19.15
CA GLY D 227 2.24 17.21 -18.17
C GLY D 227 3.26 16.17 -18.62
N GLY D 228 2.94 15.47 -19.71
CA GLY D 228 3.71 14.32 -20.11
C GLY D 228 3.36 13.19 -19.18
N ILE D 229 4.18 12.14 -19.19
CA ILE D 229 3.94 10.97 -18.37
C ILE D 229 4.94 10.91 -17.23
N VAL D 230 4.45 10.93 -16.00
CA VAL D 230 5.33 10.91 -14.83
C VAL D 230 5.07 9.73 -13.89
N PRO D 231 6.09 9.33 -13.10
CA PRO D 231 5.97 8.13 -12.28
C PRO D 231 5.32 8.33 -10.90
N ASN D 232 4.58 7.31 -10.47
CA ASN D 232 4.17 7.15 -9.09
C ASN D 232 5.26 6.35 -8.36
N GLY D 233 5.19 6.28 -7.05
CA GLY D 233 6.19 5.54 -6.27
C GLY D 233 6.12 4.03 -6.43
N ASP D 234 4.91 3.53 -6.72
CA ASP D 234 4.62 2.10 -6.77
C ASP D 234 4.81 1.43 -8.14
N GLY D 235 5.50 2.08 -9.07
CA GLY D 235 5.69 1.50 -10.41
C GLY D 235 4.60 1.79 -11.43
N THR D 236 3.51 2.44 -11.01
CA THR D 236 2.49 2.84 -11.98
C THR D 236 2.75 4.28 -12.43
N TYR D 237 1.96 4.77 -13.36
CA TYR D 237 2.25 6.06 -13.97
C TYR D 237 1.11 7.06 -13.85
N HIS D 238 1.42 8.32 -14.15
CA HIS D 238 0.49 9.43 -13.99
C HIS D 238 0.59 10.41 -15.15
N THR D 239 -0.51 11.09 -15.43
CA THR D 239 -0.53 12.14 -16.44
C THR D 239 -1.73 13.07 -16.32
N TRP D 240 -1.52 14.35 -16.61
CA TRP D 240 -2.61 15.32 -16.68
C TRP D 240 -2.64 16.13 -17.98
N VAL D 241 -3.85 16.32 -18.52
CA VAL D 241 -4.05 17.17 -19.69
C VAL D 241 -5.11 18.21 -19.36
N THR D 242 -4.79 19.48 -19.61
CA THR D 242 -5.76 20.56 -19.39
C THR D 242 -6.17 21.25 -20.69
N ILE D 243 -7.35 21.87 -20.66
CA ILE D 243 -7.82 22.66 -21.81
C ILE D 243 -8.60 23.86 -21.33
N ASP D 244 -8.44 24.98 -22.03
CA ASP D 244 -9.09 26.24 -21.67
C ASP D 244 -10.40 26.39 -22.48
N ALA D 245 -11.48 26.70 -21.76
CA ALA D 245 -12.84 26.75 -22.30
C ALA D 245 -13.54 28.00 -21.77
N GLN D 246 -14.52 28.51 -22.52
CA GLN D 246 -15.34 29.65 -22.06
C GLN D 246 -16.28 29.16 -20.94
N PRO D 247 -16.45 29.98 -19.87
CA PRO D 247 -17.26 29.49 -18.72
C PRO D 247 -18.70 29.13 -19.09
N GLY D 248 -19.13 27.92 -18.71
CA GLY D 248 -20.46 27.41 -19.07
C GLY D 248 -20.47 26.49 -20.29
N ASP D 249 -19.32 26.32 -20.94
CA ASP D 249 -19.17 25.27 -21.98
C ASP D 249 -18.82 23.86 -21.40
N GLY D 250 -18.97 23.71 -20.07
CA GLY D 250 -18.55 22.50 -19.36
C GLY D 250 -19.09 21.22 -19.96
N ASP D 251 -20.37 21.26 -20.27
CA ASP D 251 -21.09 20.10 -20.80
C ASP D 251 -20.62 19.69 -22.22
N LYS D 252 -19.97 20.61 -22.94
CA LYS D 252 -19.50 20.31 -24.31
C LYS D 252 -18.26 19.40 -24.38
N TYR D 253 -17.49 19.37 -23.30
CA TYR D 253 -16.15 18.74 -23.31
C TYR D 253 -16.13 17.34 -22.68
N GLN D 254 -15.36 16.44 -23.32
CA GLN D 254 -15.17 15.05 -22.86
C GLN D 254 -13.68 14.73 -22.86
N CYS D 255 -13.23 14.02 -21.83
CA CYS D 255 -11.83 13.54 -21.76
C CYS D 255 -11.74 12.07 -22.19
N ARG D 256 -10.87 11.83 -23.16
CA ARG D 256 -10.76 10.53 -23.79
C ARG D 256 -9.45 9.88 -23.31
N VAL D 257 -9.54 8.65 -22.81
CA VAL D 257 -8.36 7.93 -22.34
C VAL D 257 -8.17 6.61 -23.09
N GLU D 258 -7.16 6.55 -23.95
CA GLU D 258 -6.77 5.32 -24.65
C GLU D 258 -5.63 4.68 -23.90
N HIS D 259 -5.79 3.41 -23.49
CA HIS D 259 -4.77 2.67 -22.73
C HIS D 259 -4.97 1.16 -22.85
N ALA D 260 -3.89 0.40 -22.74
CA ALA D 260 -3.91 -1.05 -22.92
C ALA D 260 -4.86 -1.77 -21.98
N SER D 261 -5.11 -1.20 -20.81
CA SER D 261 -5.92 -1.86 -19.79
C SER D 261 -7.40 -1.61 -20.00
N LEU D 262 -7.71 -0.75 -20.96
CA LEU D 262 -9.09 -0.45 -21.29
C LEU D 262 -9.39 -1.05 -22.66
N PRO D 263 -10.36 -1.97 -22.74
CA PRO D 263 -10.72 -2.53 -24.05
C PRO D 263 -11.31 -1.44 -24.96
N GLN D 264 -12.24 -0.66 -24.40
CA GLN D 264 -12.80 0.54 -25.05
C GLN D 264 -12.12 1.76 -24.43
N PRO D 265 -11.71 2.74 -25.26
CA PRO D 265 -11.30 4.01 -24.69
C PRO D 265 -12.32 4.56 -23.68
N GLY D 266 -11.84 5.05 -22.55
CA GLY D 266 -12.73 5.56 -21.49
C GLY D 266 -13.14 6.99 -21.78
N LEU D 267 -14.33 7.37 -21.32
CA LEU D 267 -14.88 8.70 -21.61
C LEU D 267 -15.36 9.35 -20.32
N TYR D 268 -14.90 10.58 -20.05
CA TYR D 268 -15.17 11.24 -18.75
C TYR D 268 -15.60 12.69 -18.93
N SER D 269 -16.58 13.10 -18.13
CA SER D 269 -17.19 14.44 -18.22
C SER D 269 -16.98 15.23 -16.91
N TRP D 270 -17.10 16.57 -16.97
CA TRP D 270 -17.05 17.39 -15.74
C TRP D 270 -18.33 17.20 -14.92
N ARG D 271 -18.18 16.44 -13.83
CA ARG D 271 -19.25 16.18 -12.83
C ARG D 271 -20.65 16.02 -13.41
N MET E 1 25.00 21.96 -20.70
CA MET E 1 25.18 23.01 -19.67
C MET E 1 23.87 23.28 -18.91
N ASP E 2 23.98 23.34 -17.57
CA ASP E 2 22.89 23.65 -16.61
C ASP E 2 21.49 24.00 -17.20
N LEU E 3 20.52 23.07 -17.12
CA LEU E 3 19.12 23.31 -17.51
C LEU E 3 18.17 23.23 -16.30
N THR E 4 17.05 23.94 -16.34
CA THR E 4 16.17 24.10 -15.16
C THR E 4 15.25 22.90 -14.92
N PRO E 5 15.00 22.55 -13.64
CA PRO E 5 14.05 21.48 -13.28
C PRO E 5 12.61 21.75 -13.65
N LYS E 6 11.98 20.79 -14.32
CA LYS E 6 10.55 20.81 -14.57
C LYS E 6 9.85 20.01 -13.49
N VAL E 7 9.01 20.66 -12.70
CA VAL E 7 8.48 20.04 -11.50
C VAL E 7 6.95 19.89 -11.59
N GLN E 8 6.46 18.70 -11.22
CA GLN E 8 5.02 18.52 -11.05
C GLN E 8 4.75 17.93 -9.66
N VAL E 9 3.55 18.18 -9.16
CA VAL E 9 3.10 17.70 -7.85
C VAL E 9 1.71 17.12 -8.00
N TYR E 10 1.54 15.89 -7.54
CA TYR E 10 0.32 15.12 -7.74
C TYR E 10 0.22 14.04 -6.70
N SER E 11 -0.97 13.49 -6.55
CA SER E 11 -1.18 12.40 -5.60
C SER E 11 -1.36 11.09 -6.32
N ARG E 12 -1.07 10.00 -5.62
CA ARG E 12 -1.15 8.67 -6.21
C ARG E 12 -2.57 8.34 -6.64
N PHE E 13 -3.53 8.54 -5.76
CA PHE E 13 -4.93 8.35 -6.10
C PHE E 13 -5.61 9.69 -6.17
N PRO E 14 -6.70 9.80 -6.93
CA PRO E 14 -7.49 11.03 -6.84
C PRO E 14 -7.92 11.23 -5.40
N ALA E 15 -7.67 12.43 -4.89
CA ALA E 15 -7.75 12.66 -3.45
C ALA E 15 -9.18 12.77 -2.96
N SER E 16 -9.40 12.30 -1.74
CA SER E 16 -10.69 12.46 -1.08
C SER E 16 -10.45 12.73 0.39
N ALA E 17 -11.47 13.26 1.07
CA ALA E 17 -11.43 13.60 2.49
C ALA E 17 -11.20 12.35 3.34
N GLY E 18 -10.24 12.43 4.26
CA GLY E 18 -9.96 11.36 5.24
C GLY E 18 -9.36 10.06 4.72
N THR E 19 -8.95 10.04 3.45
CA THR E 19 -8.58 8.81 2.75
C THR E 19 -7.09 8.83 2.48
N LYS E 20 -6.41 7.78 2.94
CA LYS E 20 -4.96 7.63 2.75
C LYS E 20 -4.55 7.70 1.28
N ASN E 21 -3.36 8.24 1.05
CA ASN E 21 -2.92 8.57 -0.29
C ASN E 21 -1.41 8.75 -0.25
N VAL E 22 -0.82 9.16 -1.36
CA VAL E 22 0.60 9.41 -1.41
C VAL E 22 0.78 10.67 -2.21
N LEU E 23 1.57 11.60 -1.69
CA LEU E 23 1.84 12.84 -2.38
C LEU E 23 3.18 12.69 -3.10
N ASN E 24 3.20 13.14 -4.34
CA ASN E 24 4.35 12.97 -5.24
C ASN E 24 4.88 14.31 -5.71
N CYS E 25 6.19 14.45 -5.71
CA CYS E 25 6.83 15.57 -6.39
C CYS E 25 7.92 15.05 -7.30
N PHE E 26 7.72 15.24 -8.61
CA PHE E 26 8.65 14.77 -9.63
C PHE E 26 9.40 15.93 -10.27
N ALA E 27 10.71 15.83 -10.30
CA ALA E 27 11.57 16.83 -10.94
C ALA E 27 12.35 16.17 -12.06
N ALA E 28 12.35 16.77 -13.25
CA ALA E 28 13.05 16.21 -14.40
C ALA E 28 13.68 17.27 -15.29
N GLY E 29 14.54 16.83 -16.20
CA GLY E 29 15.17 17.70 -17.18
C GLY E 29 16.26 18.62 -16.65
N PHE E 30 16.89 18.25 -15.54
CA PHE E 30 17.81 19.15 -14.87
C PHE E 30 19.27 18.70 -14.80
N HIS E 31 20.16 19.68 -14.60
CA HIS E 31 21.60 19.47 -14.49
C HIS E 31 22.22 20.69 -13.81
N PRO E 32 23.09 20.50 -12.80
CA PRO E 32 23.68 19.27 -12.25
C PRO E 32 22.70 18.45 -11.42
N PRO E 33 23.09 17.23 -11.05
CA PRO E 33 22.20 16.35 -10.32
C PRO E 33 21.91 16.79 -8.88
N LYS E 34 22.78 17.59 -8.28
CA LYS E 34 22.54 18.13 -6.94
C LYS E 34 21.25 18.96 -6.90
N ILE E 35 20.29 18.52 -6.10
CA ILE E 35 18.97 19.13 -6.06
C ILE E 35 18.35 18.86 -4.70
N SER E 36 17.67 19.88 -4.17
CA SER E 36 16.89 19.72 -2.94
C SER E 36 15.41 19.80 -3.28
N ILE E 37 14.66 18.78 -2.85
CA ILE E 37 13.22 18.66 -3.12
C ILE E 37 12.55 18.29 -1.81
N THR E 38 11.69 19.14 -1.29
CA THR E 38 11.08 18.87 0.01
C THR E 38 9.57 19.01 -0.04
N LEU E 39 8.88 17.94 0.34
CA LEU E 39 7.43 17.98 0.48
C LEU E 39 6.98 18.73 1.75
N MET E 40 6.01 19.62 1.60
CA MET E 40 5.55 20.52 2.68
C MET E 40 4.05 20.50 2.95
N LYS E 41 3.68 20.54 4.21
CA LYS E 41 2.29 20.74 4.62
C LYS E 41 2.18 22.00 5.46
N ASP E 42 1.42 22.98 4.95
CA ASP E 42 1.24 24.27 5.64
C ASP E 42 2.57 24.90 6.09
N GLY E 43 3.60 24.79 5.24
CA GLY E 43 4.93 25.32 5.53
C GLY E 43 5.86 24.43 6.34
N VAL E 44 5.41 23.22 6.70
CA VAL E 44 6.23 22.28 7.47
C VAL E 44 6.67 21.08 6.62
N PRO E 45 7.96 20.70 6.67
CA PRO E 45 8.34 19.45 6.04
C PRO E 45 7.54 18.23 6.53
N MET E 46 7.04 17.43 5.58
CA MET E 46 6.29 16.21 5.86
C MET E 46 7.26 15.07 6.15
N GLU E 47 6.83 14.09 6.93
CA GLU E 47 7.74 13.20 7.65
C GLU E 47 8.22 11.92 6.94
N GLY E 48 7.33 11.19 6.25
CA GLY E 48 7.75 9.89 5.67
C GLY E 48 8.33 9.93 4.26
N ALA E 49 9.02 11.01 3.90
CA ALA E 49 9.47 11.19 2.52
C ALA E 49 10.52 10.18 2.11
N GLN E 50 10.38 9.62 0.91
CA GLN E 50 11.34 8.72 0.28
C GLN E 50 11.82 9.31 -1.05
N TYR E 51 13.10 9.15 -1.35
CA TYR E 51 13.75 9.83 -2.47
C TYR E 51 14.29 8.78 -3.41
N SER E 52 14.00 8.91 -4.70
CA SER E 52 14.54 7.96 -5.69
C SER E 52 16.04 8.18 -5.90
N ASP E 53 16.73 7.07 -6.17
CA ASP E 53 18.16 7.10 -6.43
C ASP E 53 18.37 7.84 -7.75
N MET E 54 19.54 8.48 -7.85
CA MET E 54 19.85 9.36 -8.98
C MET E 54 19.83 8.63 -10.33
N SER E 55 19.07 9.15 -11.28
CA SER E 55 18.87 8.50 -12.57
C SER E 55 18.70 9.58 -13.64
N PHE E 56 18.78 9.20 -14.91
CA PHE E 56 18.65 10.20 -15.97
C PHE E 56 18.02 9.63 -17.21
N ASN E 57 17.67 10.51 -18.14
CA ASN E 57 17.02 10.10 -19.37
C ASN E 57 18.01 10.06 -20.52
N ASP E 58 17.52 9.72 -21.70
CA ASP E 58 18.37 9.57 -22.89
C ASP E 58 19.13 10.85 -23.26
N ASP E 59 18.54 12.02 -23.00
CA ASP E 59 19.17 13.31 -23.32
C ASP E 59 20.16 13.74 -22.23
N TRP E 60 20.50 12.82 -21.33
CA TRP E 60 21.42 12.99 -20.18
C TRP E 60 20.86 13.79 -19.00
N THR E 61 19.67 14.34 -19.12
CA THR E 61 19.12 15.18 -18.06
C THR E 61 18.64 14.32 -16.90
N PHE E 62 18.84 14.76 -15.67
CA PHE E 62 18.50 13.95 -14.51
C PHE E 62 17.04 14.08 -14.09
N GLN E 63 16.61 13.14 -13.25
CA GLN E 63 15.27 13.18 -12.65
C GLN E 63 15.30 12.54 -11.28
N ARG E 64 14.34 12.95 -10.46
CA ARG E 64 14.14 12.38 -9.14
C ARG E 64 12.69 12.52 -8.72
N LEU E 65 12.12 11.45 -8.14
CA LEU E 65 10.79 11.47 -7.55
C LEU E 65 10.91 11.45 -6.04
N VAL E 66 10.11 12.29 -5.38
CA VAL E 66 9.99 12.24 -3.94
C VAL E 66 8.52 12.02 -3.59
N HIS E 67 8.25 11.08 -2.68
CA HIS E 67 6.88 10.78 -2.27
C HIS E 67 6.76 10.44 -0.79
N ALA E 68 5.64 10.84 -0.20
CA ALA E 68 5.36 10.54 1.19
C ALA E 68 3.92 10.09 1.31
N ASP E 69 3.69 9.13 2.21
CA ASP E 69 2.35 8.71 2.57
C ASP E 69 1.68 9.84 3.33
N PHE E 70 0.41 10.10 3.05
CA PHE E 70 -0.31 11.16 3.76
C PHE E 70 -1.82 11.04 3.57
N THR E 71 -2.54 11.75 4.43
CA THR E 71 -3.98 11.88 4.33
C THR E 71 -4.26 13.36 4.24
N PRO E 72 -4.83 13.83 3.11
CA PRO E 72 -4.97 15.27 2.93
C PRO E 72 -6.07 15.81 3.79
N SER E 73 -5.80 16.89 4.54
CA SER E 73 -6.85 17.54 5.30
C SER E 73 -7.20 18.80 4.57
N SER E 74 -8.50 19.04 4.41
CA SER E 74 -8.96 20.16 3.60
C SER E 74 -8.65 21.46 4.32
N GLY E 75 -8.39 22.50 3.53
CA GLY E 75 -7.95 23.78 4.07
C GLY E 75 -6.47 23.84 4.44
N SER E 76 -5.70 22.79 4.15
CA SER E 76 -4.24 22.87 4.29
C SER E 76 -3.66 23.14 2.92
N THR E 77 -2.47 23.71 2.89
CA THR E 77 -1.73 23.91 1.66
C THR E 77 -0.57 22.92 1.61
N TYR E 78 -0.59 22.06 0.59
CA TYR E 78 0.49 21.13 0.34
C TYR E 78 1.31 21.62 -0.83
N ALA E 79 2.62 21.47 -0.74
CA ALA E 79 3.48 21.99 -1.80
C ALA E 79 4.79 21.28 -1.84
N CYS E 80 5.52 21.49 -2.92
CA CYS E 80 6.86 20.94 -3.09
C CYS E 80 7.82 22.08 -3.26
N LYS E 81 8.83 22.15 -2.40
CA LYS E 81 9.83 23.22 -2.40
C LYS E 81 11.14 22.75 -3.02
N VAL E 82 11.51 23.38 -4.13
CA VAL E 82 12.68 23.02 -4.91
C VAL E 82 13.82 24.04 -4.95
N GLU E 83 14.94 23.70 -4.36
CA GLU E 83 16.23 24.33 -4.64
C GLU E 83 17.15 23.67 -5.69
N HIS E 84 17.37 24.37 -6.78
CA HIS E 84 18.43 24.07 -7.71
C HIS E 84 19.35 25.26 -7.85
N GLU E 85 20.39 25.14 -8.67
CA GLU E 85 21.29 26.22 -8.80
C GLU E 85 21.05 26.99 -10.04
N THR E 86 20.27 26.44 -10.94
CA THR E 86 19.72 27.24 -11.99
C THR E 86 18.64 28.20 -11.55
N LEU E 87 18.25 28.12 -10.29
CA LEU E 87 17.19 28.99 -9.76
C LEU E 87 17.73 29.95 -8.70
N LYS E 88 17.41 31.24 -8.86
CA LYS E 88 17.90 32.27 -7.93
C LYS E 88 17.32 31.95 -6.57
N GLU E 89 16.01 31.78 -6.57
CA GLU E 89 15.24 31.40 -5.39
C GLU E 89 14.58 30.06 -5.52
N PRO E 90 14.40 29.44 -4.38
CA PRO E 90 13.46 28.36 -4.17
C PRO E 90 12.13 28.54 -4.82
N GLN E 91 11.73 27.59 -5.61
CA GLN E 91 10.37 27.49 -6.04
C GLN E 91 9.48 26.52 -5.28
N VAL E 92 8.22 26.86 -5.22
CA VAL E 92 7.30 26.12 -4.46
C VAL E 92 6.14 25.92 -5.33
N TYR E 93 5.92 24.67 -5.62
CA TYR E 93 4.85 24.22 -6.49
C TYR E 93 3.71 23.67 -5.65
N LYS E 94 2.55 24.31 -5.76
CA LYS E 94 1.40 23.96 -4.91
C LYS E 94 0.64 22.77 -5.47
N TRP E 95 0.22 21.88 -4.58
CA TRP E 95 -0.59 20.75 -4.97
C TRP E 95 -2.03 21.15 -5.07
N ASP E 96 -2.68 20.72 -6.14
CA ASP E 96 -4.09 20.97 -6.34
C ASP E 96 -4.81 19.69 -5.88
N PRO E 97 -5.54 19.77 -4.74
CA PRO E 97 -6.20 18.58 -4.22
C PRO E 97 -7.30 18.05 -5.10
N GLU E 98 -7.98 18.96 -5.80
CA GLU E 98 -9.10 18.63 -6.68
C GLU E 98 -10.30 18.02 -5.96
N PHE E 99 -10.53 18.44 -4.72
CA PHE E 99 -11.76 18.08 -4.03
C PHE E 99 -12.22 19.12 -2.97
N ARG F 1 22.92 -8.63 -16.45
CA ARG F 1 24.31 -8.51 -15.97
C ARG F 1 24.90 -7.17 -16.36
N GLU F 2 25.78 -6.66 -15.51
CA GLU F 2 26.54 -5.43 -15.78
C GLU F 2 27.71 -5.75 -16.72
N VAL F 3 28.40 -4.73 -17.25
CA VAL F 3 29.62 -4.97 -18.02
C VAL F 3 30.87 -4.92 -17.18
N ASP F 4 31.90 -5.61 -17.67
CA ASP F 4 33.27 -5.50 -17.17
C ASP F 4 33.57 -4.02 -16.92
N GLU F 5 34.04 -3.72 -15.71
CA GLU F 5 34.41 -2.36 -15.31
C GLU F 5 35.37 -1.66 -16.27
N GLN F 6 36.38 -2.39 -16.77
CA GLN F 6 37.38 -1.84 -17.68
C GLN F 6 36.71 -0.94 -18.71
N LEU F 7 35.60 -1.42 -19.28
CA LEU F 7 34.96 -0.77 -20.42
C LEU F 7 34.26 0.54 -20.05
N LEU F 8 34.38 0.96 -18.80
CA LEU F 8 33.97 2.31 -18.43
C LEU F 8 35.16 3.22 -18.14
N SER F 9 36.36 2.85 -18.60
CA SER F 9 37.56 3.68 -18.42
C SER F 9 37.51 4.82 -19.42
N VAL F 10 37.77 6.03 -18.93
CA VAL F 10 37.54 7.24 -19.73
C VAL F 10 38.23 8.43 -19.09
#